data_8JJM
#
_entry.id   8JJM
#
_cell.length_a   93.785
_cell.length_b   55.495
_cell.length_c   106.755
_cell.angle_alpha   90.000
_cell.angle_beta   91.290
_cell.angle_gamma   90.000
#
_symmetry.space_group_name_H-M   'P 1 21 1'
#
loop_
_entity.id
_entity.type
_entity.pdbx_description
1 polymer Amy63
2 non-polymer 'CALCIUM ION'
3 non-polymer 'SODIUM ION'
4 non-polymer 2-AMINO-2-HYDROXYMETHYL-PROPANE-1,3-DIOL
5 water water
#
_entity_poly.entity_id   1
_entity_poly.type   'polypeptide(L)'
_entity_poly.pdbx_seq_one_letter_code
;AQNGTMMQYFHWYVPNDGALWTQVENNASALSDNGFTALWLPPAYKGAGGSNDVGYGVYDMYDLGEFDQQGSVRTKYGTK
DQYLSAINTAHKNNIQIYGDVVFNHRGGADGKSWVDTKRVDWNNRNIELGDKWIEAWVEFDFPGRNDKYSNFHWTWYHFD
GVDWDDAGEEKAIFKFKGEGKAWDWEVSSEKGNYDYLMYADLDMDHPEVKQELKDWGEWYINMTGVDGFRMDAVKHIKYQ
YLQEWIDHLRWKTGKELFTVGEYWNYDVNQLHNFITKTSGSMSLFDAPLHMNFYNASKSGGSYDMRQIMDGTLMKDNSVK
AVTLVENHDTQPLQALESTVDWWFKPLAYAFILLREEGYPSVFYADYYGAQYSDKGHDINMVKVPYIEELVTLRKDYAYG
KQHSYLDHWDVIGWTREGDAKHPHSMAVIMSDGPGGSKWMYTGKPSARYVDKLGIRTEEVWTDANGWAEFPVNGGSVSVW
VSVE
;
_entity_poly.pdbx_strand_id   A,B
#
loop_
_chem_comp.id
_chem_comp.type
_chem_comp.name
_chem_comp.formula
CA non-polymer 'CALCIUM ION' 'Ca 2'
NA non-polymer 'SODIUM ION' 'Na 1'
TRS non-polymer 2-AMINO-2-HYDROXYMETHYL-PROPANE-1,3-DIOL 'C4 H12 N O3 1'
#
# COMPACT_ATOMS: atom_id res chain seq x y z
N ALA A 1 2.40 -44.86 -3.65
CA ALA A 1 1.42 -45.53 -4.49
C ALA A 1 0.99 -44.65 -5.66
N GLN A 2 0.53 -43.44 -5.34
CA GLN A 2 -0.02 -42.55 -6.33
C GLN A 2 1.08 -41.68 -6.94
N ASN A 3 0.93 -41.38 -8.22
CA ASN A 3 1.81 -40.41 -8.88
C ASN A 3 1.70 -39.08 -8.16
N GLY A 4 2.84 -38.46 -7.84
CA GLY A 4 2.83 -37.11 -7.28
C GLY A 4 2.57 -36.06 -8.35
N THR A 5 1.71 -35.09 -8.02
CA THR A 5 1.42 -33.97 -8.92
C THR A 5 1.33 -32.70 -8.10
N MET A 6 2.11 -31.69 -8.47
CA MET A 6 2.13 -30.42 -7.75
C MET A 6 1.45 -29.34 -8.57
N MET A 7 1.00 -28.29 -7.88
CA MET A 7 0.49 -27.10 -8.56
C MET A 7 1.16 -25.88 -7.97
N GLN A 8 1.63 -24.98 -8.84
CA GLN A 8 1.97 -23.60 -8.46
C GLN A 8 0.65 -22.90 -8.19
N TYR A 9 0.32 -22.70 -6.92
CA TYR A 9 -1.02 -22.22 -6.58
C TYR A 9 -1.05 -20.69 -6.45
N PHE A 10 -0.63 -20.02 -7.53
CA PHE A 10 -0.70 -18.57 -7.66
C PHE A 10 -0.18 -18.18 -9.04
N HIS A 11 -0.34 -16.90 -9.37
CA HIS A 11 0.43 -16.33 -10.48
C HIS A 11 0.71 -14.88 -10.09
N TRP A 12 1.41 -14.16 -10.98
CA TRP A 12 1.87 -12.82 -10.63
C TRP A 12 0.71 -11.86 -10.36
N TYR A 13 -0.39 -12.00 -11.10
CA TYR A 13 -1.47 -11.04 -11.10
C TYR A 13 -2.73 -11.53 -10.37
N VAL A 14 -2.57 -12.42 -9.39
CA VAL A 14 -3.64 -12.66 -8.41
C VAL A 14 -4.07 -11.31 -7.83
N PRO A 15 -5.35 -11.06 -7.58
CA PRO A 15 -5.73 -9.74 -7.03
C PRO A 15 -5.24 -9.57 -5.60
N ASN A 16 -5.01 -8.31 -5.21
CA ASN A 16 -4.65 -7.99 -3.83
C ASN A 16 -5.94 -7.91 -3.01
N ASP A 17 -6.44 -9.07 -2.61
CA ASP A 17 -7.68 -9.13 -1.88
C ASP A 17 -7.57 -10.01 -0.64
N GLY A 18 -6.37 -10.49 -0.31
CA GLY A 18 -6.17 -11.24 0.92
C GLY A 18 -6.95 -12.53 0.99
N ALA A 19 -7.23 -13.16 -0.16
CA ALA A 19 -8.14 -14.31 -0.22
C ALA A 19 -7.49 -15.62 -0.64
N LEU A 20 -6.22 -15.61 -1.05
CA LEU A 20 -5.65 -16.84 -1.59
C LEU A 20 -5.64 -17.98 -0.56
N TRP A 21 -5.28 -17.69 0.69
CA TRP A 21 -5.24 -18.77 1.68
C TRP A 21 -6.63 -19.39 1.89
N THR A 22 -7.65 -18.54 2.01
CA THR A 22 -9.04 -19.01 2.06
C THR A 22 -9.38 -19.87 0.84
N GLN A 23 -8.87 -19.49 -0.33
CA GLN A 23 -9.20 -20.27 -1.52
C GLN A 23 -8.48 -21.62 -1.50
N VAL A 24 -7.25 -21.68 -0.94
CA VAL A 24 -6.60 -22.97 -0.74
C VAL A 24 -7.45 -23.87 0.13
N GLU A 25 -7.87 -23.35 1.29
CA GLU A 25 -8.67 -24.16 2.21
C GLU A 25 -9.96 -24.65 1.55
N ASN A 26 -10.64 -23.77 0.80
CA ASN A 26 -11.92 -24.12 0.20
C ASN A 26 -11.78 -25.09 -0.97
N ASN A 27 -10.62 -25.16 -1.61
CA ASN A 27 -10.48 -26.00 -2.79
C ASN A 27 -9.63 -27.24 -2.55
N ALA A 28 -9.05 -27.39 -1.36
CA ALA A 28 -8.17 -28.53 -1.12
C ALA A 28 -8.84 -29.85 -1.48
N SER A 29 -10.09 -30.02 -1.07
CA SER A 29 -10.81 -31.26 -1.33
C SER A 29 -10.93 -31.52 -2.83
N ALA A 30 -11.36 -30.52 -3.60
CA ALA A 30 -11.50 -30.71 -5.02
C ALA A 30 -10.15 -30.95 -5.69
N LEU A 31 -9.11 -30.24 -5.25
CA LEU A 31 -7.79 -30.44 -5.86
C LEU A 31 -7.27 -31.85 -5.60
N SER A 32 -7.49 -32.37 -4.38
CA SER A 32 -7.06 -33.73 -4.10
C SER A 32 -7.79 -34.73 -4.97
N ASP A 33 -9.11 -34.56 -5.11
CA ASP A 33 -9.90 -35.46 -5.96
C ASP A 33 -9.37 -35.49 -7.39
N ASN A 34 -8.95 -34.33 -7.91
CA ASN A 34 -8.42 -34.28 -9.27
C ASN A 34 -7.14 -35.10 -9.37
N GLY A 35 -6.31 -35.06 -8.32
CA GLY A 35 -5.06 -35.79 -8.31
C GLY A 35 -3.86 -35.03 -7.80
N PHE A 36 -4.05 -33.77 -7.37
CA PHE A 36 -2.93 -33.00 -6.83
C PHE A 36 -2.55 -33.51 -5.45
N THR A 37 -1.25 -33.67 -5.24
CA THR A 37 -0.70 -34.17 -4.00
C THR A 37 0.20 -33.16 -3.30
N ALA A 38 0.46 -31.99 -3.91
CA ALA A 38 1.28 -30.96 -3.29
C ALA A 38 0.98 -29.63 -3.95
N LEU A 39 1.03 -28.56 -3.15
CA LEU A 39 0.85 -27.20 -3.65
C LEU A 39 2.10 -26.40 -3.31
N TRP A 40 2.63 -25.69 -4.30
CA TRP A 40 3.64 -24.67 -4.05
C TRP A 40 2.89 -23.35 -3.85
N LEU A 41 3.02 -22.81 -2.68
CA LEU A 41 2.32 -21.58 -2.38
C LEU A 41 3.30 -20.41 -2.40
N PRO A 42 2.82 -19.20 -2.67
CA PRO A 42 3.72 -18.05 -2.82
C PRO A 42 4.32 -17.66 -1.48
N PRO A 43 5.35 -16.82 -1.47
CA PRO A 43 5.95 -16.40 -0.19
C PRO A 43 4.88 -15.83 0.74
N ALA A 44 4.84 -16.35 1.96
CA ALA A 44 3.74 -16.08 2.88
C ALA A 44 4.03 -14.96 3.87
N TYR A 45 5.20 -14.33 3.79
CA TYR A 45 5.63 -13.31 4.76
C TYR A 45 5.63 -11.93 4.12
N LYS A 46 5.77 -10.92 4.98
CA LYS A 46 5.49 -9.54 4.60
C LYS A 46 6.60 -9.01 3.69
N GLY A 47 6.21 -8.39 2.57
CA GLY A 47 7.15 -7.81 1.65
C GLY A 47 7.20 -6.28 1.70
N ALA A 48 8.24 -5.74 1.04
CA ALA A 48 8.46 -4.29 1.00
C ALA A 48 7.32 -3.56 0.31
N GLY A 49 6.59 -4.23 -0.58
CA GLY A 49 5.46 -3.64 -1.25
C GLY A 49 4.17 -3.76 -0.48
N GLY A 50 4.24 -4.22 0.78
CA GLY A 50 3.03 -4.40 1.55
C GLY A 50 2.13 -5.42 0.90
N SER A 51 0.81 -5.18 0.99
CA SER A 51 -0.11 -6.16 0.48
C SER A 51 -0.10 -6.25 -1.04
N ASN A 52 0.55 -5.32 -1.74
CA ASN A 52 0.74 -5.43 -3.18
C ASN A 52 1.89 -6.35 -3.57
N ASP A 53 2.73 -6.75 -2.62
CA ASP A 53 3.91 -7.55 -2.93
C ASP A 53 3.52 -8.97 -3.29
N VAL A 54 4.00 -9.43 -4.46
CA VAL A 54 3.82 -10.83 -4.81
C VAL A 54 4.54 -11.72 -3.80
N GLY A 55 5.53 -11.18 -3.12
CA GLY A 55 6.20 -11.90 -2.05
C GLY A 55 7.71 -11.89 -2.21
N TYR A 56 8.22 -11.50 -3.39
CA TYR A 56 9.66 -11.57 -3.62
C TYR A 56 10.39 -10.31 -3.16
N GLY A 57 9.66 -9.27 -2.74
CA GLY A 57 10.28 -8.11 -2.11
C GLY A 57 10.45 -8.28 -0.61
N VAL A 58 10.88 -9.47 -0.20
CA VAL A 58 10.80 -9.92 1.19
C VAL A 58 11.38 -8.90 2.16
N TYR A 59 10.59 -8.60 3.20
CA TYR A 59 10.97 -7.70 4.27
C TYR A 59 11.17 -8.45 5.58
N ASP A 60 10.13 -9.08 6.10
CA ASP A 60 10.21 -9.76 7.40
C ASP A 60 9.71 -11.18 7.28
N MET A 61 10.61 -12.16 7.29
CA MET A 61 10.06 -13.50 7.09
C MET A 61 9.42 -14.08 8.33
N TYR A 62 9.47 -13.40 9.46
CA TYR A 62 8.75 -13.84 10.65
C TYR A 62 7.33 -13.26 10.71
N ASP A 63 6.93 -12.45 9.73
CA ASP A 63 5.61 -11.81 9.72
C ASP A 63 4.78 -12.48 8.63
N LEU A 64 3.99 -13.49 9.00
CA LEU A 64 3.19 -14.23 8.03
C LEU A 64 1.85 -13.58 7.77
N GLY A 65 1.78 -12.25 7.77
CA GLY A 65 0.51 -11.57 7.82
C GLY A 65 -0.07 -11.51 9.22
N GLU A 66 0.79 -11.30 10.21
CA GLU A 66 0.41 -11.28 11.62
C GLU A 66 0.59 -9.92 12.27
N PHE A 67 1.52 -9.10 11.76
CA PHE A 67 1.91 -7.85 12.40
C PHE A 67 1.65 -6.67 11.48
N ASP A 68 1.44 -5.49 12.07
CA ASP A 68 1.16 -4.30 11.29
C ASP A 68 2.48 -3.71 10.82
N GLN A 69 2.87 -4.05 9.59
CA GLN A 69 4.12 -3.61 8.99
C GLN A 69 3.92 -3.49 7.49
N GLN A 70 4.58 -2.49 6.89
CA GLN A 70 4.46 -2.18 5.46
C GLN A 70 3.02 -1.90 5.03
N GLY A 71 2.21 -1.31 5.91
CA GLY A 71 0.94 -0.75 5.49
C GLY A 71 -0.29 -1.59 5.79
N SER A 72 -0.11 -2.81 6.29
CA SER A 72 -1.27 -3.65 6.59
C SER A 72 -0.83 -4.77 7.52
N VAL A 73 -1.82 -5.44 8.09
CA VAL A 73 -1.50 -6.65 8.83
C VAL A 73 -1.35 -7.82 7.87
N ARG A 74 -2.32 -8.03 7.00
CA ARG A 74 -2.20 -9.19 6.13
C ARG A 74 -1.14 -8.97 5.05
N THR A 75 -0.68 -10.08 4.46
CA THR A 75 0.07 -10.04 3.22
C THR A 75 -0.91 -9.93 2.06
N LYS A 76 -0.39 -10.01 0.83
CA LYS A 76 -1.28 -10.09 -0.32
C LYS A 76 -2.27 -11.23 -0.21
N TYR A 77 -1.87 -12.33 0.43
CA TYR A 77 -2.59 -13.59 0.34
C TYR A 77 -3.50 -13.87 1.53
N GLY A 78 -3.35 -13.17 2.65
CA GLY A 78 -4.21 -13.36 3.79
C GLY A 78 -3.43 -13.14 5.07
N THR A 79 -4.03 -13.57 6.18
CA THR A 79 -3.42 -13.45 7.50
C THR A 79 -2.67 -14.72 7.87
N LYS A 80 -1.94 -14.63 8.98
CA LYS A 80 -1.21 -15.78 9.48
C LYS A 80 -2.15 -16.92 9.86
N ASP A 81 -3.26 -16.61 10.54
CA ASP A 81 -4.21 -17.66 10.89
C ASP A 81 -4.79 -18.33 9.65
N GLN A 82 -5.07 -17.54 8.61
CA GLN A 82 -5.62 -18.14 7.39
C GLN A 82 -4.60 -19.03 6.71
N TYR A 83 -3.32 -18.64 6.73
CA TYR A 83 -2.27 -19.48 6.18
C TYR A 83 -2.20 -20.81 6.90
N LEU A 84 -2.12 -20.78 8.24
CA LEU A 84 -2.00 -22.03 9.00
C LEU A 84 -3.22 -22.91 8.81
N SER A 85 -4.40 -22.30 8.72
CA SER A 85 -5.63 -23.06 8.51
C SER A 85 -5.68 -23.69 7.12
N ALA A 86 -5.22 -22.95 6.10
CA ALA A 86 -5.11 -23.52 4.75
C ALA A 86 -4.15 -24.71 4.73
N ILE A 87 -2.99 -24.57 5.38
CA ILE A 87 -2.04 -25.68 5.41
C ILE A 87 -2.66 -26.88 6.11
N ASN A 88 -3.36 -26.64 7.23
CA ASN A 88 -3.98 -27.73 7.95
C ASN A 88 -5.04 -28.42 7.09
N THR A 89 -5.81 -27.65 6.33
CA THR A 89 -6.85 -28.26 5.50
C THR A 89 -6.26 -29.05 4.36
N ALA A 90 -5.18 -28.53 3.76
CA ALA A 90 -4.42 -29.28 2.77
C ALA A 90 -4.00 -30.64 3.29
N HIS A 91 -3.39 -30.66 4.49
CA HIS A 91 -2.94 -31.90 5.12
C HIS A 91 -4.07 -32.87 5.35
N LYS A 92 -5.24 -32.38 5.81
CA LYS A 92 -6.39 -33.27 5.99
C LYS A 92 -6.88 -33.86 4.68
N ASN A 93 -6.58 -33.20 3.55
CA ASN A 93 -6.95 -33.71 2.24
C ASN A 93 -5.78 -34.36 1.52
N ASN A 94 -4.75 -34.77 2.25
CA ASN A 94 -3.62 -35.51 1.70
C ASN A 94 -2.85 -34.69 0.66
N ILE A 95 -2.69 -33.41 0.93
CA ILE A 95 -1.92 -32.51 0.07
C ILE A 95 -0.78 -31.91 0.88
N GLN A 96 0.45 -32.07 0.40
CA GLN A 96 1.59 -31.45 1.03
C GLN A 96 1.74 -30.00 0.56
N ILE A 97 2.43 -29.20 1.36
CA ILE A 97 2.62 -27.77 1.07
C ILE A 97 4.11 -27.47 0.97
N TYR A 98 4.51 -26.87 -0.15
CA TYR A 98 5.86 -26.36 -0.32
C TYR A 98 5.83 -24.84 -0.18
N GLY A 99 6.55 -24.30 0.80
CA GLY A 99 6.56 -22.87 1.02
C GLY A 99 7.68 -22.20 0.24
N ASP A 100 7.38 -21.03 -0.32
CA ASP A 100 8.34 -20.28 -1.11
C ASP A 100 9.31 -19.55 -0.18
N VAL A 101 10.61 -19.77 -0.38
CA VAL A 101 11.67 -19.26 0.48
C VAL A 101 12.54 -18.28 -0.32
N VAL A 102 12.54 -17.00 0.09
CA VAL A 102 13.24 -15.92 -0.60
C VAL A 102 14.42 -15.49 0.28
N PHE A 103 15.61 -15.99 -0.02
CA PHE A 103 16.80 -15.70 0.77
C PHE A 103 17.77 -14.77 0.09
N ASN A 104 17.55 -14.40 -1.19
CA ASN A 104 18.61 -13.69 -1.89
C ASN A 104 18.86 -12.31 -1.30
N HIS A 105 17.80 -11.62 -0.88
CA HIS A 105 17.90 -10.20 -0.56
C HIS A 105 16.87 -9.83 0.50
N ARG A 106 16.92 -8.60 0.96
CA ARG A 106 15.86 -8.03 1.79
C ARG A 106 15.56 -6.64 1.26
N GLY A 107 14.29 -6.24 1.29
CA GLY A 107 13.89 -4.91 0.88
C GLY A 107 12.98 -4.27 1.91
N GLY A 108 12.79 -2.96 1.74
CA GLY A 108 11.90 -2.21 2.61
C GLY A 108 12.48 -1.88 3.96
N ALA A 109 13.78 -1.60 4.02
CA ALA A 109 14.48 -1.43 5.29
C ALA A 109 13.87 -0.31 6.14
N ASP A 110 13.94 -0.50 7.45
CA ASP A 110 13.45 0.48 8.42
C ASP A 110 14.33 1.71 8.47
N GLY A 111 15.63 1.57 8.19
CA GLY A 111 16.52 2.71 8.25
C GLY A 111 17.68 2.58 7.27
N LYS A 112 18.37 3.69 7.06
CA LYS A 112 19.55 3.69 6.22
C LYS A 112 20.80 3.94 7.07
N SER A 113 21.94 3.45 6.56
CA SER A 113 23.23 3.64 7.21
C SER A 113 24.28 4.07 6.19
N TRP A 114 25.22 4.90 6.64
CA TRP A 114 26.40 5.20 5.84
C TRP A 114 27.28 3.96 5.72
N VAL A 115 27.65 3.61 4.50
CA VAL A 115 28.45 2.43 4.19
C VAL A 115 29.52 2.82 3.19
N ASP A 116 30.75 2.37 3.42
CA ASP A 116 31.86 2.55 2.48
C ASP A 116 31.82 1.42 1.45
N THR A 117 31.80 1.77 0.16
CA THR A 117 31.48 0.81 -0.89
C THR A 117 32.38 1.01 -2.09
N LYS A 118 32.37 0.01 -2.97
CA LYS A 118 32.94 0.12 -4.32
C LYS A 118 31.80 -0.01 -5.32
N ARG A 119 31.63 1.00 -6.16
CA ARG A 119 30.75 0.86 -7.32
C ARG A 119 31.32 -0.20 -8.27
N VAL A 120 30.48 -1.12 -8.75
CA VAL A 120 30.91 -2.11 -9.74
C VAL A 120 30.03 -2.01 -10.97
N ASP A 121 30.53 -2.58 -12.07
CA ASP A 121 29.85 -2.47 -13.36
C ASP A 121 28.62 -3.37 -13.41
N TRP A 122 27.53 -2.85 -14.01
CA TRP A 122 26.28 -3.60 -14.15
C TRP A 122 26.49 -4.91 -14.90
N ASN A 123 27.30 -4.90 -15.95
CA ASN A 123 27.45 -6.08 -16.80
C ASN A 123 28.61 -6.96 -16.40
N ASN A 124 29.52 -6.48 -15.56
CA ASN A 124 30.59 -7.31 -15.03
C ASN A 124 30.86 -6.84 -13.60
N ARG A 125 30.28 -7.54 -12.64
CA ARG A 125 30.32 -7.06 -11.26
C ARG A 125 31.69 -7.27 -10.61
N ASN A 126 32.66 -7.82 -11.36
CA ASN A 126 34.04 -7.86 -10.90
C ASN A 126 34.84 -6.62 -11.33
N ILE A 127 34.30 -5.79 -12.21
CA ILE A 127 34.94 -4.54 -12.62
C ILE A 127 34.56 -3.45 -11.62
N GLU A 128 35.56 -2.84 -10.99
CA GLU A 128 35.35 -1.83 -9.95
C GLU A 128 35.46 -0.44 -10.56
N LEU A 129 34.54 0.45 -10.18
CA LEU A 129 34.42 1.74 -10.86
C LEU A 129 34.75 2.93 -9.98
N GLY A 130 35.13 2.72 -8.73
CA GLY A 130 35.47 3.82 -7.85
C GLY A 130 34.81 3.63 -6.50
N ASP A 131 35.47 4.13 -5.45
CA ASP A 131 34.97 4.01 -4.10
C ASP A 131 33.92 5.09 -3.86
N LYS A 132 32.94 4.81 -2.98
CA LYS A 132 31.96 5.83 -2.63
C LYS A 132 31.34 5.50 -1.29
N TRP A 133 31.28 6.50 -0.41
CA TRP A 133 30.43 6.43 0.78
C TRP A 133 28.98 6.69 0.38
N ILE A 134 28.07 5.81 0.81
CA ILE A 134 26.67 5.91 0.42
C ILE A 134 25.80 5.77 1.65
N GLU A 135 24.54 6.19 1.51
CA GLU A 135 23.51 5.85 2.48
C GLU A 135 22.69 4.69 1.91
N ALA A 136 22.74 3.55 2.58
CA ALA A 136 22.12 2.31 2.08
C ALA A 136 20.96 1.91 2.98
N TRP A 137 19.88 1.42 2.38
CA TRP A 137 18.71 0.96 3.15
C TRP A 137 18.99 -0.46 3.63
N VAL A 138 19.63 -0.59 4.78
CA VAL A 138 20.11 -1.89 5.24
C VAL A 138 19.86 -2.15 6.73
N GLU A 139 19.10 -1.29 7.42
CA GLU A 139 18.73 -1.55 8.81
C GLU A 139 17.32 -2.13 8.86
N PHE A 140 17.21 -3.37 9.32
CA PHE A 140 15.94 -4.08 9.44
C PHE A 140 15.75 -4.46 10.91
N ASP A 141 14.75 -3.85 11.56
CA ASP A 141 14.46 -4.11 12.95
C ASP A 141 13.07 -4.66 13.19
N PHE A 142 12.14 -4.50 12.24
CA PHE A 142 10.78 -5.05 12.35
C PHE A 142 10.08 -4.51 13.60
N PRO A 143 9.96 -3.19 13.75
CA PRO A 143 9.39 -2.68 15.02
C PRO A 143 7.95 -3.12 15.25
N GLY A 144 7.18 -3.33 14.19
CA GLY A 144 5.79 -3.75 14.38
C GLY A 144 5.64 -5.13 14.95
N ARG A 145 6.69 -5.96 14.89
CA ARG A 145 6.65 -7.32 15.43
C ARG A 145 7.06 -7.37 16.89
N ASN A 146 7.79 -6.36 17.37
CA ASN A 146 8.13 -6.21 18.79
C ASN A 146 8.84 -7.45 19.35
N ASP A 147 9.74 -8.03 18.56
CA ASP A 147 10.62 -9.14 18.95
C ASP A 147 9.90 -10.46 19.17
N LYS A 148 8.62 -10.57 18.83
CA LYS A 148 7.98 -11.88 18.84
C LYS A 148 8.72 -12.82 17.90
N TYR A 149 9.02 -14.02 18.40
CA TYR A 149 9.69 -15.10 17.66
C TYR A 149 11.20 -14.87 17.53
N SER A 150 11.62 -13.62 17.37
CA SER A 150 13.02 -13.39 17.06
C SER A 150 13.39 -11.93 17.29
N ASN A 151 14.52 -11.67 17.94
CA ASN A 151 15.00 -10.30 18.11
C ASN A 151 16.13 -9.94 17.15
N PHE A 152 16.35 -10.74 16.11
CA PHE A 152 17.47 -10.50 15.21
C PHE A 152 17.25 -9.20 14.43
N HIS A 153 18.31 -8.42 14.32
CA HIS A 153 18.32 -7.15 13.61
C HIS A 153 19.37 -7.22 12.50
N TRP A 154 18.96 -6.94 11.27
CA TRP A 154 19.86 -6.90 10.14
C TRP A 154 20.52 -5.53 10.06
N THR A 155 21.85 -5.50 9.89
CA THR A 155 22.55 -4.25 9.70
C THR A 155 23.46 -4.37 8.48
N TRP A 156 24.23 -3.31 8.19
CA TRP A 156 24.92 -3.22 6.90
C TRP A 156 25.81 -4.43 6.62
N TYR A 157 26.53 -4.91 7.63
CA TYR A 157 27.53 -5.92 7.34
C TYR A 157 26.93 -7.31 7.11
N HIS A 158 25.62 -7.47 7.25
CA HIS A 158 24.96 -8.69 6.85
C HIS A 158 24.72 -8.75 5.34
N PHE A 159 25.06 -7.69 4.63
CA PHE A 159 24.76 -7.56 3.21
C PHE A 159 26.04 -7.37 2.41
N ASP A 160 26.03 -7.84 1.17
CA ASP A 160 27.17 -7.65 0.29
C ASP A 160 27.08 -6.39 -0.55
N GLY A 161 25.89 -5.82 -0.72
CA GLY A 161 25.73 -4.66 -1.59
C GLY A 161 24.29 -4.26 -1.74
N VAL A 162 24.10 -3.08 -2.35
CA VAL A 162 22.78 -2.55 -2.73
C VAL A 162 22.90 -1.90 -4.09
N ASP A 163 21.76 -1.48 -4.66
CA ASP A 163 21.84 -0.77 -5.93
C ASP A 163 21.34 0.66 -5.84
N TRP A 164 21.30 1.23 -4.65
CA TRP A 164 20.77 2.58 -4.50
C TRP A 164 21.54 3.31 -3.41
N ASP A 165 22.10 4.48 -3.73
CA ASP A 165 22.68 5.38 -2.74
C ASP A 165 21.67 6.48 -2.45
N ASP A 166 21.13 6.50 -1.21
CA ASP A 166 20.07 7.45 -0.89
C ASP A 166 20.61 8.86 -0.65
N ALA A 167 21.90 9.00 -0.36
CA ALA A 167 22.46 10.33 -0.12
C ALA A 167 22.73 11.05 -1.43
N GLY A 168 23.52 10.43 -2.31
CA GLY A 168 23.78 10.97 -3.63
C GLY A 168 22.72 10.70 -4.66
N GLU A 169 21.71 9.90 -4.31
CA GLU A 169 20.60 9.59 -5.21
C GLU A 169 21.08 8.94 -6.52
N GLU A 170 21.92 7.93 -6.38
CA GLU A 170 22.52 7.25 -7.53
C GLU A 170 22.09 5.80 -7.55
N LYS A 171 21.59 5.35 -8.70
CA LYS A 171 21.33 3.93 -8.94
C LYS A 171 22.57 3.32 -9.60
N ALA A 172 23.23 2.42 -8.89
CA ALA A 172 24.38 1.65 -9.35
C ALA A 172 24.57 0.54 -8.35
N ILE A 173 25.28 -0.51 -8.74
CA ILE A 173 25.59 -1.57 -7.79
C ILE A 173 26.76 -1.11 -6.94
N PHE A 174 26.54 -1.04 -5.63
CA PHE A 174 27.55 -0.65 -4.66
C PHE A 174 27.89 -1.88 -3.85
N LYS A 175 29.11 -2.41 -4.03
CA LYS A 175 29.60 -3.54 -3.27
C LYS A 175 30.17 -3.06 -1.94
N PHE A 176 29.73 -3.68 -0.83
CA PHE A 176 30.17 -3.21 0.48
C PHE A 176 31.63 -3.58 0.73
N LYS A 177 32.38 -2.65 1.32
CA LYS A 177 33.76 -2.92 1.70
C LYS A 177 33.84 -3.43 3.14
N GLY A 178 34.95 -4.05 3.47
CA GLY A 178 35.15 -4.54 4.82
C GLY A 178 35.95 -5.81 4.81
N GLU A 179 36.39 -6.20 6.00
CA GLU A 179 37.25 -7.38 6.12
C GLU A 179 36.45 -8.60 5.74
N GLY A 180 36.90 -9.31 4.70
CA GLY A 180 36.20 -10.48 4.23
C GLY A 180 34.99 -10.19 3.35
N LYS A 181 34.75 -8.94 3.00
CA LYS A 181 33.59 -8.62 2.17
C LYS A 181 33.90 -8.87 0.71
N ALA A 182 33.08 -9.70 0.06
CA ALA A 182 33.18 -9.98 -1.37
C ALA A 182 31.85 -10.54 -1.83
N TRP A 183 31.60 -10.47 -3.14
CA TRP A 183 30.50 -11.23 -3.68
C TRP A 183 30.66 -12.71 -3.33
N ASP A 184 29.55 -13.37 -3.06
CA ASP A 184 29.61 -14.76 -2.67
C ASP A 184 30.02 -15.64 -3.87
N TRP A 185 30.48 -16.84 -3.57
CA TRP A 185 30.88 -17.84 -4.56
C TRP A 185 30.71 -19.20 -3.93
N GLU A 186 30.13 -20.16 -4.64
CA GLU A 186 29.78 -20.07 -6.06
C GLU A 186 28.37 -19.56 -6.33
N VAL A 187 28.25 -18.67 -7.31
CA VAL A 187 26.97 -18.28 -7.90
C VAL A 187 27.16 -18.33 -9.42
N SER A 188 26.10 -18.00 -10.16
CA SER A 188 26.23 -17.95 -11.61
C SER A 188 27.33 -16.97 -12.01
N SER A 189 28.14 -17.35 -13.00
CA SER A 189 29.17 -16.43 -13.49
C SER A 189 28.66 -15.52 -14.59
N GLU A 190 27.36 -15.54 -14.89
CA GLU A 190 26.80 -14.52 -15.76
C GLU A 190 27.03 -13.14 -15.13
N LYS A 191 27.33 -12.15 -15.98
CA LYS A 191 27.69 -10.80 -15.53
C LYS A 191 28.93 -10.83 -14.63
N GLY A 192 29.85 -11.77 -14.89
CA GLY A 192 31.06 -11.90 -14.11
C GLY A 192 30.80 -12.64 -12.81
N ASN A 193 29.86 -12.10 -12.04
CA ASN A 193 29.42 -12.71 -10.79
C ASN A 193 27.99 -12.21 -10.56
N TYR A 194 27.03 -13.14 -10.56
CA TYR A 194 25.62 -12.77 -10.50
C TYR A 194 25.07 -12.81 -9.07
N ASP A 195 25.92 -12.65 -8.05
CA ASP A 195 25.42 -12.60 -6.68
C ASP A 195 24.38 -11.51 -6.52
N TYR A 196 24.67 -10.30 -7.03
CA TYR A 196 23.77 -9.18 -6.85
C TYR A 196 22.61 -9.23 -7.85
N LEU A 197 21.38 -9.07 -7.34
CA LEU A 197 20.17 -9.00 -8.17
C LEU A 197 19.40 -7.70 -7.91
N MET A 198 19.00 -7.44 -6.66
CA MET A 198 18.13 -6.31 -6.34
C MET A 198 18.09 -6.17 -4.81
N TYR A 199 17.56 -5.03 -4.35
CA TYR A 199 17.43 -4.69 -2.92
C TYR A 199 18.77 -4.85 -2.21
N ALA A 200 18.76 -5.23 -0.94
CA ALA A 200 19.98 -5.45 -0.16
C ALA A 200 20.37 -6.93 -0.23
N ASP A 201 21.54 -7.21 -0.82
CA ASP A 201 21.96 -8.57 -1.09
C ASP A 201 22.55 -9.24 0.14
N LEU A 202 22.00 -10.41 0.50
CA LEU A 202 22.51 -11.11 1.69
C LEU A 202 23.93 -11.61 1.48
N ASP A 203 24.76 -11.46 2.53
CA ASP A 203 26.13 -11.97 2.53
C ASP A 203 26.07 -13.37 3.10
N MET A 204 26.07 -14.38 2.23
CA MET A 204 25.95 -15.75 2.69
C MET A 204 27.23 -16.29 3.31
N ASP A 205 28.31 -15.50 3.34
CA ASP A 205 29.50 -15.87 4.07
C ASP A 205 29.54 -15.33 5.50
N HIS A 206 28.58 -14.51 5.90
CA HIS A 206 28.58 -13.92 7.24
C HIS A 206 28.02 -14.92 8.25
N PRO A 207 28.75 -15.26 9.33
CA PRO A 207 28.25 -16.27 10.28
C PRO A 207 26.87 -15.97 10.83
N GLU A 208 26.55 -14.69 11.08
CA GLU A 208 25.26 -14.38 11.68
C GLU A 208 24.12 -14.60 10.69
N VAL A 209 24.36 -14.31 9.42
CA VAL A 209 23.36 -14.61 8.39
C VAL A 209 23.16 -16.10 8.24
N LYS A 210 24.27 -16.85 8.14
CA LYS A 210 24.17 -18.30 8.00
C LYS A 210 23.34 -18.90 9.13
N GLN A 211 23.57 -18.43 10.37
CA GLN A 211 22.80 -18.98 11.48
C GLN A 211 21.35 -18.47 11.47
N GLU A 212 21.14 -17.19 11.19
CA GLU A 212 19.77 -16.65 11.24
C GLU A 212 18.85 -17.36 10.26
N LEU A 213 19.35 -17.68 9.06
CA LEU A 213 18.46 -18.31 8.08
C LEU A 213 18.09 -19.73 8.51
N LYS A 214 18.99 -20.43 9.20
CA LYS A 214 18.67 -21.72 9.78
C LYS A 214 17.66 -21.58 10.92
N ASP A 215 17.88 -20.60 11.82
CA ASP A 215 16.94 -20.34 12.90
C ASP A 215 15.54 -20.08 12.36
N TRP A 216 15.44 -19.21 11.34
CA TRP A 216 14.13 -18.93 10.77
C TRP A 216 13.51 -20.20 10.16
N GLY A 217 14.34 -21.02 9.50
CA GLY A 217 13.82 -22.20 8.83
C GLY A 217 13.21 -23.20 9.79
N GLU A 218 13.84 -23.43 10.94
CA GLU A 218 13.25 -24.32 11.93
C GLU A 218 11.99 -23.73 12.52
N TRP A 219 12.02 -22.43 12.85
CA TRP A 219 10.83 -21.77 13.35
C TRP A 219 9.67 -21.94 12.36
N TYR A 220 9.95 -21.69 11.07
CA TYR A 220 8.92 -21.72 10.04
C TYR A 220 8.32 -23.11 9.91
N ILE A 221 9.17 -24.14 9.91
CA ILE A 221 8.66 -25.52 9.85
C ILE A 221 7.74 -25.79 11.03
N ASN A 222 8.16 -25.43 12.24
CA ASN A 222 7.34 -25.75 13.42
C ASN A 222 6.09 -24.88 13.49
N MET A 223 6.19 -23.62 13.06
CA MET A 223 5.03 -22.73 13.10
C MET A 223 3.95 -23.16 12.11
N THR A 224 4.33 -23.52 10.88
CA THR A 224 3.40 -23.65 9.77
C THR A 224 3.04 -25.09 9.43
N GLY A 225 3.93 -26.04 9.70
CA GLY A 225 3.73 -27.40 9.22
C GLY A 225 4.01 -27.63 7.74
N VAL A 226 4.68 -26.69 7.05
CA VAL A 226 5.00 -26.90 5.64
C VAL A 226 5.82 -28.17 5.51
N ASP A 227 5.68 -28.84 4.35
CA ASP A 227 6.34 -30.12 4.10
C ASP A 227 7.62 -29.99 3.28
N GLY A 228 7.85 -28.83 2.68
CA GLY A 228 9.05 -28.62 1.90
C GLY A 228 9.10 -27.20 1.43
N PHE A 229 10.01 -26.94 0.48
CA PHE A 229 10.37 -25.58 0.11
C PHE A 229 10.50 -25.46 -1.40
N ARG A 230 10.17 -24.28 -1.90
CA ARG A 230 10.57 -23.81 -3.22
C ARG A 230 11.54 -22.67 -2.97
N MET A 231 12.78 -22.81 -3.46
CA MET A 231 13.85 -21.85 -3.18
C MET A 231 13.93 -20.82 -4.31
N ASP A 232 13.68 -19.55 -3.98
CA ASP A 232 13.73 -18.47 -4.97
C ASP A 232 15.17 -18.13 -5.38
N ALA A 233 15.37 -17.87 -6.68
CA ALA A 233 16.56 -17.14 -7.17
C ALA A 233 17.88 -17.83 -6.82
N VAL A 234 17.96 -19.15 -6.99
CA VAL A 234 19.15 -19.86 -6.49
C VAL A 234 20.39 -19.57 -7.31
N LYS A 235 20.26 -19.05 -8.54
CA LYS A 235 21.49 -18.74 -9.25
C LYS A 235 22.20 -17.52 -8.70
N HIS A 236 21.55 -16.78 -7.81
CA HIS A 236 22.13 -15.60 -7.20
C HIS A 236 22.55 -15.85 -5.75
N ILE A 237 22.47 -17.09 -5.29
CA ILE A 237 22.69 -17.44 -3.88
C ILE A 237 23.80 -18.50 -3.80
N LYS A 238 24.83 -18.20 -3.01
CA LYS A 238 25.94 -19.13 -2.77
C LYS A 238 25.50 -20.59 -2.71
N TYR A 239 25.88 -21.37 -3.72
CA TYR A 239 25.36 -22.73 -3.85
C TYR A 239 25.64 -23.56 -2.61
N GLN A 240 26.86 -23.45 -2.07
CA GLN A 240 27.20 -24.25 -0.91
C GLN A 240 26.36 -23.91 0.31
N TYR A 241 25.95 -22.65 0.47
CA TYR A 241 25.06 -22.34 1.60
C TYR A 241 23.68 -22.96 1.42
N LEU A 242 23.15 -22.96 0.19
CA LEU A 242 21.84 -23.57 -0.03
C LEU A 242 21.84 -25.05 0.39
N GLN A 243 22.89 -25.79 0.02
CA GLN A 243 23.03 -27.15 0.50
C GLN A 243 23.19 -27.20 2.02
N GLU A 244 24.04 -26.33 2.56
CA GLU A 244 24.26 -26.31 4.01
C GLU A 244 22.93 -26.15 4.74
N TRP A 245 22.06 -25.26 4.22
CA TRP A 245 20.82 -24.92 4.90
C TRP A 245 19.85 -26.09 4.89
N ILE A 246 19.63 -26.70 3.73
CA ILE A 246 18.63 -27.77 3.68
C ILE A 246 19.16 -29.02 4.38
N ASP A 247 20.47 -29.30 4.24
CA ASP A 247 21.08 -30.38 4.99
C ASP A 247 20.82 -30.20 6.48
N HIS A 248 21.00 -28.97 6.98
CA HIS A 248 20.83 -28.71 8.41
C HIS A 248 19.40 -28.99 8.86
N LEU A 249 18.41 -28.49 8.12
CA LEU A 249 17.02 -28.64 8.53
C LEU A 249 16.58 -30.10 8.45
N ARG A 250 16.99 -30.83 7.42
CA ARG A 250 16.64 -32.25 7.35
C ARG A 250 17.22 -33.00 8.54
N TRP A 251 18.43 -32.64 8.94
CA TRP A 251 19.07 -33.31 10.08
C TRP A 251 18.37 -32.92 11.38
N LYS A 252 18.12 -31.63 11.57
CA LYS A 252 17.54 -31.15 12.81
C LYS A 252 16.11 -31.62 13.01
N THR A 253 15.33 -31.74 11.93
CA THR A 253 13.92 -32.10 12.06
C THR A 253 13.65 -33.57 11.79
N GLY A 254 14.55 -34.28 11.11
CA GLY A 254 14.26 -35.61 10.66
C GLY A 254 13.24 -35.71 9.55
N LYS A 255 12.76 -34.59 9.00
CA LYS A 255 11.78 -34.62 7.94
C LYS A 255 12.45 -34.68 6.57
N GLU A 256 11.68 -35.16 5.59
CA GLU A 256 12.18 -35.28 4.22
C GLU A 256 12.46 -33.90 3.63
N LEU A 257 11.53 -32.95 3.82
CA LEU A 257 11.62 -31.58 3.32
C LEU A 257 12.03 -31.55 1.85
N PHE A 258 11.18 -32.11 1.00
CA PHE A 258 11.41 -31.99 -0.44
C PHE A 258 11.65 -30.53 -0.79
N THR A 259 12.69 -30.28 -1.59
CA THR A 259 13.03 -28.90 -1.97
C THR A 259 13.29 -28.82 -3.47
N VAL A 260 12.73 -27.80 -4.11
CA VAL A 260 13.00 -27.50 -5.50
C VAL A 260 13.48 -26.05 -5.59
N GLY A 261 14.56 -25.82 -6.34
CA GLY A 261 15.05 -24.48 -6.58
C GLY A 261 14.63 -23.92 -7.93
N GLU A 262 14.45 -22.60 -7.99
CA GLU A 262 14.27 -21.87 -9.25
C GLU A 262 15.64 -21.40 -9.72
N TYR A 263 16.28 -22.16 -10.63
CA TYR A 263 17.47 -21.72 -11.37
C TYR A 263 17.00 -21.40 -12.80
N TRP A 264 16.58 -20.14 -13.03
CA TRP A 264 15.88 -19.83 -14.28
C TRP A 264 16.88 -19.45 -15.37
N ASN A 265 17.32 -20.45 -16.11
CA ASN A 265 18.23 -20.29 -17.23
C ASN A 265 17.93 -21.42 -18.21
N TYR A 266 18.02 -21.16 -19.51
CA TYR A 266 17.63 -22.16 -20.50
C TYR A 266 18.78 -23.04 -20.98
N ASP A 267 20.00 -22.87 -20.46
CA ASP A 267 21.08 -23.82 -20.72
C ASP A 267 21.10 -24.85 -19.59
N VAL A 268 20.68 -26.08 -19.90
CA VAL A 268 20.62 -27.12 -18.89
C VAL A 268 21.96 -27.36 -18.22
N ASN A 269 23.07 -27.01 -18.88
CA ASN A 269 24.38 -27.26 -18.28
C ASN A 269 24.62 -26.39 -17.06
N GLN A 270 24.06 -25.18 -17.03
CA GLN A 270 24.12 -24.35 -15.82
C GLN A 270 23.33 -25.00 -14.68
N LEU A 271 22.21 -25.65 -15.01
CA LEU A 271 21.43 -26.37 -13.99
C LEU A 271 22.16 -27.62 -13.53
N HIS A 272 22.78 -28.38 -14.46
CA HIS A 272 23.58 -29.52 -14.03
C HIS A 272 24.69 -29.10 -13.07
N ASN A 273 25.36 -27.99 -13.36
CA ASN A 273 26.42 -27.51 -12.48
C ASN A 273 25.87 -27.20 -11.10
N PHE A 274 24.71 -26.53 -11.04
CA PHE A 274 24.12 -26.23 -9.74
C PHE A 274 23.84 -27.51 -8.96
N ILE A 275 23.22 -28.50 -9.60
CA ILE A 275 22.90 -29.76 -8.92
C ILE A 275 24.17 -30.47 -8.45
N THR A 276 25.22 -30.46 -9.27
CA THR A 276 26.50 -31.01 -8.84
C THR A 276 27.03 -30.27 -7.63
N LYS A 277 27.01 -28.93 -7.69
CA LYS A 277 27.62 -28.14 -6.63
C LYS A 277 26.80 -28.13 -5.35
N THR A 278 25.53 -28.51 -5.41
CA THR A 278 24.69 -28.70 -4.23
C THR A 278 24.49 -30.18 -3.88
N SER A 279 25.30 -31.08 -4.45
CA SER A 279 25.30 -32.51 -4.11
C SER A 279 23.93 -33.15 -4.30
N GLY A 280 23.15 -32.67 -5.25
CA GLY A 280 21.84 -33.25 -5.46
C GLY A 280 20.88 -33.08 -4.32
N SER A 281 21.09 -32.09 -3.43
CA SER A 281 20.20 -31.94 -2.29
C SER A 281 18.85 -31.32 -2.64
N MET A 282 18.67 -30.83 -3.87
CA MET A 282 17.38 -30.26 -4.24
C MET A 282 17.12 -30.47 -5.73
N SER A 283 15.83 -30.56 -6.07
CA SER A 283 15.44 -30.56 -7.47
C SER A 283 15.48 -29.13 -8.01
N LEU A 284 15.29 -29.00 -9.32
CA LEU A 284 15.20 -27.70 -9.97
C LEU A 284 14.04 -27.74 -10.95
N PHE A 285 13.39 -26.59 -11.13
CA PHE A 285 12.44 -26.48 -12.23
C PHE A 285 13.16 -26.65 -13.55
N ASP A 286 12.51 -27.38 -14.48
CA ASP A 286 13.11 -27.69 -15.79
C ASP A 286 12.89 -26.51 -16.73
N ALA A 287 13.58 -25.40 -16.44
CA ALA A 287 13.48 -24.23 -17.30
C ALA A 287 13.74 -24.52 -18.77
N PRO A 288 14.76 -25.30 -19.15
CA PRO A 288 14.96 -25.57 -20.59
C PRO A 288 13.75 -26.23 -21.24
N LEU A 289 13.05 -27.11 -20.52
CA LEU A 289 11.85 -27.74 -21.08
C LEU A 289 10.78 -26.71 -21.41
N HIS A 290 10.58 -25.72 -20.54
CA HIS A 290 9.64 -24.64 -20.88
C HIS A 290 9.99 -23.99 -22.21
N MET A 291 11.28 -23.79 -22.46
CA MET A 291 11.62 -23.11 -23.70
C MET A 291 11.46 -24.03 -24.90
N ASN A 292 11.66 -25.34 -24.73
CA ASN A 292 11.33 -26.27 -25.81
C ASN A 292 9.84 -26.19 -26.16
N PHE A 293 8.98 -26.22 -25.15
CA PHE A 293 7.54 -26.08 -25.37
C PHE A 293 7.21 -24.75 -26.04
N TYR A 294 7.83 -23.66 -25.58
CA TYR A 294 7.60 -22.37 -26.20
C TYR A 294 7.95 -22.39 -27.69
N ASN A 295 9.14 -22.87 -28.01
CA ASN A 295 9.58 -22.91 -29.40
C ASN A 295 8.62 -23.74 -30.24
N ALA A 296 8.29 -24.95 -29.77
CA ALA A 296 7.37 -25.82 -30.48
C ALA A 296 6.02 -25.14 -30.72
N SER A 297 5.53 -24.42 -29.71
CA SER A 297 4.21 -23.80 -29.79
C SER A 297 4.16 -22.63 -30.78
N LYS A 298 5.30 -22.02 -31.08
CA LYS A 298 5.38 -20.88 -31.98
C LYS A 298 5.81 -21.28 -33.39
N SER A 299 5.99 -22.59 -33.64
CA SER A 299 6.60 -23.09 -34.88
C SER A 299 5.61 -23.51 -35.95
N GLY A 300 4.30 -23.42 -35.70
CA GLY A 300 3.32 -23.74 -36.74
C GLY A 300 3.40 -25.15 -37.24
N GLY A 301 3.86 -26.09 -36.42
CA GLY A 301 4.04 -27.48 -36.83
C GLY A 301 5.45 -27.83 -37.24
N SER A 302 6.31 -26.84 -37.47
CA SER A 302 7.62 -27.08 -38.06
C SER A 302 8.67 -27.51 -37.05
N TYR A 303 8.33 -27.52 -35.77
CA TYR A 303 9.26 -27.96 -34.75
C TYR A 303 9.51 -29.46 -34.87
N ASP A 304 10.74 -29.90 -34.63
CA ASP A 304 11.08 -31.32 -34.67
C ASP A 304 10.73 -31.94 -33.33
N MET A 305 9.55 -32.56 -33.25
CA MET A 305 9.04 -33.14 -32.01
C MET A 305 9.93 -34.25 -31.45
N ARG A 306 10.77 -34.88 -32.28
CA ARG A 306 11.73 -35.84 -31.76
C ARG A 306 12.64 -35.22 -30.70
N GLN A 307 12.83 -33.91 -30.73
CA GLN A 307 13.77 -33.23 -29.87
C GLN A 307 13.09 -32.48 -28.71
N ILE A 308 11.80 -32.71 -28.48
CA ILE A 308 11.03 -31.92 -27.50
C ILE A 308 11.60 -32.03 -26.09
N MET A 309 12.33 -33.11 -25.80
CA MET A 309 12.93 -33.40 -24.51
C MET A 309 14.41 -33.09 -24.46
N ASP A 310 15.02 -32.75 -25.59
CA ASP A 310 16.46 -32.66 -25.63
C ASP A 310 16.95 -31.46 -24.82
N GLY A 311 18.05 -31.64 -24.11
CA GLY A 311 18.66 -30.54 -23.38
C GLY A 311 17.84 -30.09 -22.18
N THR A 312 17.19 -31.03 -21.51
CA THR A 312 16.32 -30.74 -20.38
C THR A 312 16.71 -31.62 -19.21
N LEU A 313 16.33 -31.19 -17.99
CA LEU A 313 16.52 -32.08 -16.85
C LEU A 313 15.62 -33.30 -16.97
N MET A 314 14.44 -33.13 -17.58
CA MET A 314 13.52 -34.26 -17.72
C MET A 314 14.21 -35.45 -18.40
N LYS A 315 15.11 -35.17 -19.35
CA LYS A 315 15.88 -36.18 -20.06
C LYS A 315 17.16 -36.55 -19.33
N ASP A 316 17.95 -35.54 -18.92
CA ASP A 316 19.31 -35.74 -18.44
C ASP A 316 19.37 -36.22 -16.99
N ASN A 317 18.47 -35.73 -16.13
CA ASN A 317 18.49 -36.10 -14.70
C ASN A 317 17.08 -36.00 -14.14
N SER A 318 16.20 -36.92 -14.54
CA SER A 318 14.77 -36.70 -14.34
C SER A 318 14.36 -36.74 -12.87
N VAL A 319 15.14 -37.43 -12.03
CA VAL A 319 14.81 -37.49 -10.61
C VAL A 319 15.16 -36.20 -9.88
N LYS A 320 15.78 -35.23 -10.55
CA LYS A 320 15.96 -33.89 -10.00
C LYS A 320 15.16 -32.85 -10.78
N ALA A 321 14.19 -33.28 -11.57
CA ALA A 321 13.44 -32.40 -12.46
C ALA A 321 12.04 -32.16 -11.91
N VAL A 322 11.70 -30.91 -11.68
CA VAL A 322 10.31 -30.50 -11.54
C VAL A 322 9.90 -29.90 -12.89
N THR A 323 9.08 -30.64 -13.61
CA THR A 323 8.68 -30.23 -14.94
C THR A 323 7.50 -29.26 -14.89
N LEU A 324 7.37 -28.48 -15.96
CA LEU A 324 6.35 -27.44 -16.00
C LEU A 324 6.17 -27.01 -17.43
N VAL A 325 5.08 -26.30 -17.68
CA VAL A 325 4.81 -25.67 -18.96
C VAL A 325 5.02 -24.16 -18.89
N GLU A 326 4.59 -23.53 -17.80
CA GLU A 326 4.48 -22.08 -17.68
C GLU A 326 4.59 -21.68 -16.21
N ASN A 327 5.04 -20.45 -15.94
CA ASN A 327 5.05 -20.00 -14.54
C ASN A 327 4.87 -18.48 -14.48
N HIS A 328 5.03 -17.91 -13.28
CA HIS A 328 4.77 -16.50 -13.09
C HIS A 328 5.84 -15.62 -13.70
N ASP A 329 7.00 -16.17 -14.08
CA ASP A 329 8.00 -15.36 -14.75
C ASP A 329 7.84 -15.37 -16.25
N THR A 330 7.16 -16.37 -16.80
CA THR A 330 6.97 -16.49 -18.25
C THR A 330 5.58 -16.04 -18.72
N GLN A 331 4.65 -15.78 -17.80
CA GLN A 331 3.30 -15.41 -18.19
C GLN A 331 3.29 -14.01 -18.82
N PRO A 332 2.21 -13.64 -19.50
CA PRO A 332 2.21 -12.37 -20.23
C PRO A 332 2.38 -11.17 -19.31
N LEU A 333 3.16 -10.19 -19.79
CA LEU A 333 3.45 -8.86 -19.24
C LEU A 333 4.66 -8.88 -18.29
N GLN A 334 5.22 -10.05 -18.01
CA GLN A 334 6.41 -10.14 -17.16
C GLN A 334 7.68 -9.94 -17.98
N ALA A 335 8.75 -9.55 -17.29
CA ALA A 335 10.01 -9.25 -17.98
C ALA A 335 10.49 -10.45 -18.79
N LEU A 336 10.42 -11.65 -18.22
CA LEU A 336 10.86 -12.85 -18.92
C LEU A 336 9.73 -13.55 -19.66
N GLU A 337 8.71 -12.79 -20.08
CA GLU A 337 7.61 -13.37 -20.83
C GLU A 337 8.10 -14.29 -21.95
N SER A 338 7.56 -15.49 -21.96
CA SER A 338 7.69 -16.41 -23.09
C SER A 338 6.54 -17.40 -22.99
N THR A 339 5.33 -16.90 -23.17
CA THR A 339 4.14 -17.68 -22.88
C THR A 339 3.91 -18.71 -23.97
N VAL A 340 3.77 -19.98 -23.57
CA VAL A 340 3.56 -21.06 -24.52
C VAL A 340 2.23 -20.82 -25.22
N ASP A 341 2.22 -20.95 -26.55
CA ASP A 341 1.00 -20.68 -27.29
C ASP A 341 -0.11 -21.63 -26.84
N TRP A 342 -1.31 -21.06 -26.64
CA TRP A 342 -2.40 -21.76 -25.96
C TRP A 342 -2.72 -23.09 -26.64
N TRP A 343 -2.74 -23.13 -27.98
CA TRP A 343 -3.13 -24.33 -28.69
C TRP A 343 -2.26 -25.53 -28.32
N PHE A 344 -0.99 -25.29 -28.01
CA PHE A 344 -0.04 -26.36 -27.75
C PHE A 344 -0.10 -26.85 -26.30
N LYS A 345 -0.67 -26.06 -25.39
CA LYS A 345 -0.57 -26.41 -23.98
C LYS A 345 -1.19 -27.77 -23.62
N PRO A 346 -2.28 -28.24 -24.25
CA PRO A 346 -2.75 -29.60 -23.92
C PRO A 346 -1.72 -30.66 -24.23
N LEU A 347 -0.93 -30.46 -25.30
CA LEU A 347 0.13 -31.40 -25.63
C LEU A 347 1.25 -31.35 -24.60
N ALA A 348 1.70 -30.13 -24.25
CA ALA A 348 2.78 -29.97 -23.29
C ALA A 348 2.39 -30.54 -21.93
N TYR A 349 1.14 -30.29 -21.53
CA TYR A 349 0.68 -30.85 -20.25
C TYR A 349 0.55 -32.36 -20.31
N ALA A 350 0.06 -32.90 -21.43
CA ALA A 350 0.01 -34.36 -21.56
C ALA A 350 1.40 -34.94 -21.50
N PHE A 351 2.39 -34.22 -22.03
CA PHE A 351 3.76 -34.70 -21.98
C PHE A 351 4.29 -34.75 -20.54
N ILE A 352 4.14 -33.66 -19.76
CA ILE A 352 4.76 -33.72 -18.43
C ILE A 352 3.95 -34.59 -17.45
N LEU A 353 2.64 -34.71 -17.67
CA LEU A 353 1.79 -35.44 -16.72
C LEU A 353 1.79 -36.95 -16.97
N LEU A 354 1.93 -37.39 -18.22
CA LEU A 354 1.75 -38.82 -18.53
C LEU A 354 3.06 -39.53 -18.89
N ARG A 355 4.18 -38.83 -18.98
CA ARG A 355 5.50 -39.47 -19.08
C ARG A 355 5.95 -39.91 -17.69
N GLU A 356 6.79 -40.95 -17.65
CA GLU A 356 7.31 -41.38 -16.36
C GLU A 356 8.36 -40.45 -15.79
N GLU A 357 8.99 -39.61 -16.61
CA GLU A 357 10.12 -38.81 -16.16
C GLU A 357 9.65 -37.54 -15.45
N GLY A 358 10.25 -37.26 -14.29
CA GLY A 358 10.09 -35.97 -13.65
C GLY A 358 8.87 -35.86 -12.76
N TYR A 359 8.79 -34.71 -12.11
CA TYR A 359 7.80 -34.41 -11.08
C TYR A 359 7.03 -33.20 -11.61
N PRO A 360 5.84 -33.39 -12.15
CA PRO A 360 5.18 -32.31 -12.89
C PRO A 360 4.48 -31.29 -12.01
N SER A 361 4.47 -30.05 -12.50
CA SER A 361 3.83 -28.90 -11.86
C SER A 361 2.84 -28.27 -12.83
N VAL A 362 1.62 -28.05 -12.37
CA VAL A 362 0.59 -27.36 -13.15
C VAL A 362 0.51 -25.91 -12.71
N PHE A 363 0.39 -25.00 -13.67
CA PHE A 363 0.32 -23.57 -13.40
C PHE A 363 -1.12 -23.16 -13.09
N TYR A 364 -1.28 -22.42 -11.99
CA TYR A 364 -2.60 -21.91 -11.56
C TYR A 364 -3.36 -21.25 -12.69
N ALA A 365 -2.69 -20.38 -13.46
CA ALA A 365 -3.42 -19.67 -14.51
C ALA A 365 -3.84 -20.61 -15.63
N ASP A 366 -3.07 -21.67 -15.87
CA ASP A 366 -3.47 -22.67 -16.86
C ASP A 366 -4.61 -23.54 -16.36
N TYR A 367 -4.66 -23.81 -15.05
CA TYR A 367 -5.69 -24.68 -14.48
C TYR A 367 -7.03 -23.98 -14.35
N TYR A 368 -7.02 -22.70 -13.95
CA TYR A 368 -8.24 -21.94 -13.69
C TYR A 368 -8.56 -20.92 -14.78
N GLY A 369 -7.59 -20.55 -15.59
CA GLY A 369 -7.70 -19.33 -16.36
C GLY A 369 -7.45 -18.11 -15.49
N ALA A 370 -7.06 -17.02 -16.15
CA ALA A 370 -6.77 -15.79 -15.43
C ALA A 370 -6.97 -14.58 -16.35
N GLN A 371 -7.66 -13.58 -15.84
CA GLN A 371 -7.86 -12.33 -16.55
C GLN A 371 -7.22 -11.22 -15.72
N TYR A 372 -6.45 -10.36 -16.37
CA TYR A 372 -5.81 -9.26 -15.63
C TYR A 372 -5.39 -8.16 -16.60
N SER A 373 -5.04 -6.99 -16.02
CA SER A 373 -4.58 -5.84 -16.77
C SER A 373 -3.37 -5.21 -16.10
N ASP A 374 -2.42 -4.73 -16.90
CA ASP A 374 -1.29 -3.98 -16.39
C ASP A 374 -0.71 -3.17 -17.54
N LYS A 375 -0.22 -1.97 -17.23
CA LYS A 375 0.27 -1.04 -18.24
C LYS A 375 -0.78 -0.77 -19.30
N GLY A 376 -2.06 -0.78 -18.93
CA GLY A 376 -3.14 -0.66 -19.89
C GLY A 376 -3.39 -1.87 -20.77
N HIS A 377 -2.50 -2.87 -20.78
CA HIS A 377 -2.73 -4.10 -21.55
C HIS A 377 -3.63 -5.07 -20.80
N ASP A 378 -4.65 -5.59 -21.48
CA ASP A 378 -5.57 -6.54 -20.89
C ASP A 378 -5.22 -7.95 -21.36
N ILE A 379 -5.11 -8.88 -20.42
CA ILE A 379 -4.66 -10.23 -20.73
C ILE A 379 -5.79 -11.20 -20.36
N ASN A 380 -6.04 -12.18 -21.25
CA ASN A 380 -7.00 -13.23 -20.97
C ASN A 380 -6.31 -14.59 -21.17
N MET A 381 -5.94 -15.21 -20.07
CA MET A 381 -5.24 -16.49 -20.10
C MET A 381 -6.33 -17.55 -19.99
N VAL A 382 -6.64 -18.23 -21.10
CA VAL A 382 -7.81 -19.13 -21.10
C VAL A 382 -7.42 -20.48 -20.50
N LYS A 383 -8.32 -21.05 -19.69
CA LYS A 383 -8.08 -22.35 -19.11
C LYS A 383 -7.73 -23.36 -20.20
N VAL A 384 -6.74 -24.20 -19.92
CA VAL A 384 -6.20 -25.13 -20.91
C VAL A 384 -7.18 -26.27 -21.14
N PRO A 385 -7.55 -26.56 -22.38
CA PRO A 385 -8.47 -27.69 -22.63
C PRO A 385 -7.88 -28.99 -22.09
N TYR A 386 -8.74 -29.77 -21.41
CA TYR A 386 -8.47 -31.10 -20.88
C TYR A 386 -7.52 -31.10 -19.69
N ILE A 387 -7.20 -29.94 -19.12
CA ILE A 387 -6.19 -29.92 -18.05
C ILE A 387 -6.64 -30.76 -16.86
N GLU A 388 -7.90 -30.67 -16.45
CA GLU A 388 -8.34 -31.49 -15.32
C GLU A 388 -8.33 -32.96 -15.68
N GLU A 389 -8.80 -33.30 -16.89
CA GLU A 389 -8.80 -34.69 -17.32
C GLU A 389 -7.39 -35.27 -17.36
N LEU A 390 -6.40 -34.48 -17.81
CA LEU A 390 -5.04 -35.00 -17.90
C LEU A 390 -4.47 -35.26 -16.50
N VAL A 391 -4.81 -34.40 -15.54
CA VAL A 391 -4.38 -34.63 -14.16
C VAL A 391 -5.04 -35.89 -13.61
N THR A 392 -6.32 -36.11 -13.91
CA THR A 392 -6.97 -37.36 -13.53
C THR A 392 -6.32 -38.55 -14.24
N LEU A 393 -5.98 -38.40 -15.52
CA LEU A 393 -5.33 -39.48 -16.24
C LEU A 393 -3.98 -39.84 -15.60
N ARG A 394 -3.24 -38.84 -15.12
CA ARG A 394 -2.02 -39.13 -14.38
C ARG A 394 -2.32 -39.82 -13.06
N LYS A 395 -3.35 -39.35 -12.35
CA LYS A 395 -3.67 -39.91 -11.04
C LYS A 395 -4.04 -41.39 -11.14
N ASP A 396 -4.82 -41.76 -12.16
CA ASP A 396 -5.43 -43.09 -12.22
C ASP A 396 -4.77 -44.04 -13.21
N TYR A 397 -4.13 -43.57 -14.28
CA TYR A 397 -3.77 -44.48 -15.38
C TYR A 397 -2.33 -44.44 -15.88
N ALA A 398 -1.53 -43.42 -15.56
CA ALA A 398 -0.17 -43.33 -16.12
C ALA A 398 0.82 -44.00 -15.17
N TYR A 399 0.92 -45.32 -15.27
CA TYR A 399 1.71 -46.11 -14.33
C TYR A 399 2.50 -47.18 -15.07
N GLY A 400 3.55 -47.65 -14.44
CA GLY A 400 4.27 -48.80 -14.97
C GLY A 400 5.31 -48.44 -16.00
N LYS A 401 5.85 -49.51 -16.59
CA LYS A 401 6.93 -49.41 -17.57
C LYS A 401 6.53 -48.55 -18.76
N GLN A 402 7.49 -47.79 -19.29
CA GLN A 402 7.25 -46.86 -20.38
C GLN A 402 8.03 -47.27 -21.61
N HIS A 403 7.38 -47.22 -22.77
CA HIS A 403 7.99 -47.45 -24.07
C HIS A 403 7.85 -46.15 -24.86
N SER A 404 8.97 -45.57 -25.27
CA SER A 404 8.96 -44.23 -25.83
C SER A 404 9.12 -44.25 -27.35
N TYR A 405 8.34 -43.42 -28.05
CA TYR A 405 8.41 -43.29 -29.51
C TYR A 405 8.48 -41.81 -29.89
N LEU A 406 9.59 -41.15 -29.52
CA LEU A 406 9.86 -39.78 -29.98
C LEU A 406 10.65 -39.86 -31.29
N ASP A 407 9.97 -40.38 -32.32
CA ASP A 407 10.65 -40.87 -33.52
C ASP A 407 10.16 -40.26 -34.83
N HIS A 408 9.35 -39.21 -34.77
CA HIS A 408 8.87 -38.49 -35.96
C HIS A 408 8.79 -37.01 -35.60
N TRP A 409 8.99 -36.15 -36.61
CA TRP A 409 9.05 -34.70 -36.38
C TRP A 409 7.68 -34.07 -36.11
N ASP A 410 6.58 -34.76 -36.40
CA ASP A 410 5.25 -34.32 -35.99
C ASP A 410 4.62 -35.24 -34.96
N VAL A 411 4.59 -36.54 -35.22
CA VAL A 411 3.81 -37.51 -34.46
C VAL A 411 4.74 -38.24 -33.49
N ILE A 412 4.55 -38.01 -32.18
CA ILE A 412 5.32 -38.71 -31.17
C ILE A 412 4.35 -39.39 -30.20
N GLY A 413 4.85 -40.38 -29.47
CA GLY A 413 4.01 -41.03 -28.49
C GLY A 413 4.81 -41.92 -27.57
N TRP A 414 4.10 -42.50 -26.59
CA TRP A 414 4.71 -43.45 -25.67
C TRP A 414 3.61 -44.27 -25.03
N THR A 415 3.99 -45.41 -24.44
CA THR A 415 3.01 -46.24 -23.77
C THR A 415 3.41 -46.45 -22.32
N ARG A 416 2.41 -46.80 -21.50
CA ARG A 416 2.61 -47.10 -20.10
C ARG A 416 1.91 -48.41 -19.79
N GLU A 417 2.65 -49.37 -19.21
CA GLU A 417 2.13 -50.73 -19.10
C GLU A 417 1.13 -50.90 -17.96
N GLY A 418 1.15 -50.02 -16.95
CA GLY A 418 0.36 -50.20 -15.75
C GLY A 418 1.13 -50.96 -14.67
N ASP A 419 0.61 -50.91 -13.45
CA ASP A 419 1.20 -51.61 -12.29
C ASP A 419 0.09 -52.29 -11.51
N ALA A 420 0.45 -52.86 -10.35
CA ALA A 420 -0.49 -53.71 -9.61
C ALA A 420 -1.68 -52.91 -9.10
N LYS A 421 -1.43 -51.75 -8.47
CA LYS A 421 -2.53 -50.93 -8.00
C LYS A 421 -3.25 -50.20 -9.14
N HIS A 422 -2.61 -50.07 -10.31
CA HIS A 422 -3.19 -49.39 -11.47
C HIS A 422 -3.00 -50.28 -12.69
N PRO A 423 -3.80 -51.34 -12.82
CA PRO A 423 -3.54 -52.35 -13.86
C PRO A 423 -4.13 -51.98 -15.23
N HIS A 424 -4.09 -50.71 -15.60
CA HIS A 424 -4.56 -50.31 -16.92
C HIS A 424 -3.38 -49.95 -17.81
N SER A 425 -3.61 -50.06 -19.11
CA SER A 425 -2.61 -49.82 -20.13
C SER A 425 -2.91 -48.48 -20.78
N MET A 426 -1.87 -47.70 -21.12
CA MET A 426 -2.14 -46.44 -21.81
C MET A 426 -1.14 -46.22 -22.94
N ALA A 427 -1.62 -45.56 -24.00
CA ALA A 427 -0.78 -45.13 -25.11
C ALA A 427 -1.12 -43.67 -25.40
N VAL A 428 -0.14 -42.77 -25.22
CA VAL A 428 -0.33 -41.36 -25.52
C VAL A 428 0.23 -41.09 -26.90
N ILE A 429 -0.50 -40.30 -27.68
CA ILE A 429 -0.02 -39.93 -29.00
C ILE A 429 -0.40 -38.47 -29.25
N MET A 430 0.50 -37.72 -29.90
CA MET A 430 0.23 -36.32 -30.18
C MET A 430 0.95 -35.94 -31.48
N SER A 431 0.50 -34.83 -32.07
CA SER A 431 1.14 -34.29 -33.26
C SER A 431 1.12 -32.77 -33.20
N ASP A 432 2.26 -32.15 -33.48
CA ASP A 432 2.28 -30.69 -33.59
C ASP A 432 1.89 -30.21 -34.98
N GLY A 433 1.74 -31.13 -35.95
CA GLY A 433 1.38 -30.81 -37.31
C GLY A 433 0.17 -31.61 -37.75
N PRO A 434 0.16 -32.05 -39.02
CA PRO A 434 -0.94 -32.91 -39.49
C PRO A 434 -1.04 -34.19 -38.69
N GLY A 435 -2.24 -34.76 -38.65
CA GLY A 435 -2.47 -35.98 -37.92
C GLY A 435 -1.77 -37.18 -38.54
N GLY A 436 -1.95 -38.33 -37.89
CA GLY A 436 -1.22 -39.53 -38.29
C GLY A 436 -1.49 -40.68 -37.35
N SER A 437 -0.59 -41.66 -37.37
CA SER A 437 -0.75 -42.87 -36.58
C SER A 437 0.62 -43.44 -36.28
N LYS A 438 0.69 -44.26 -35.23
CA LYS A 438 1.96 -44.90 -34.91
C LYS A 438 1.70 -46.27 -34.31
N TRP A 439 2.42 -47.27 -34.80
CA TRP A 439 2.48 -48.57 -34.13
C TRP A 439 3.28 -48.45 -32.84
N MET A 440 2.69 -48.88 -31.73
CA MET A 440 3.36 -48.83 -30.43
C MET A 440 3.03 -50.09 -29.66
N TYR A 441 3.98 -50.53 -28.84
CA TYR A 441 3.83 -51.73 -28.02
C TYR A 441 3.36 -51.33 -26.63
N THR A 442 2.23 -51.86 -26.19
CA THR A 442 1.76 -51.69 -24.83
C THR A 442 2.01 -52.89 -23.93
N GLY A 443 2.24 -54.07 -24.51
CA GLY A 443 2.41 -55.24 -23.69
C GLY A 443 1.12 -55.86 -23.22
N LYS A 444 -0.03 -55.33 -23.63
CA LYS A 444 -1.31 -55.90 -23.26
C LYS A 444 -1.92 -56.54 -24.49
N PRO A 445 -2.10 -57.87 -24.49
CA PRO A 445 -2.54 -58.56 -25.71
C PRO A 445 -4.05 -58.48 -25.92
N SER A 446 -4.44 -58.37 -27.20
CA SER A 446 -5.83 -58.44 -27.64
C SER A 446 -6.75 -57.64 -26.72
N ALA A 447 -6.40 -56.37 -26.51
CA ALA A 447 -7.12 -55.52 -25.59
C ALA A 447 -7.68 -54.30 -26.30
N ARG A 448 -8.77 -53.78 -25.75
CA ARG A 448 -9.51 -52.66 -26.32
C ARG A 448 -9.08 -51.35 -25.67
N TYR A 449 -8.79 -50.35 -26.51
CA TYR A 449 -8.38 -49.01 -26.08
C TYR A 449 -9.37 -47.98 -26.60
N VAL A 450 -9.67 -46.98 -25.77
CA VAL A 450 -10.46 -45.82 -26.21
C VAL A 450 -9.75 -44.53 -25.80
N ASP A 451 -10.11 -43.45 -26.49
CA ASP A 451 -9.46 -42.15 -26.28
C ASP A 451 -10.17 -41.45 -25.13
N LYS A 452 -9.54 -41.46 -23.97
CA LYS A 452 -10.11 -40.87 -22.77
C LYS A 452 -10.32 -39.37 -22.88
N LEU A 453 -9.74 -38.70 -23.88
CA LEU A 453 -10.08 -37.31 -24.16
C LEU A 453 -11.25 -37.16 -25.14
N GLY A 454 -11.75 -38.25 -25.71
CA GLY A 454 -12.91 -38.16 -26.56
C GLY A 454 -12.71 -37.46 -27.89
N ILE A 455 -11.46 -37.26 -28.32
CA ILE A 455 -11.21 -36.61 -29.60
C ILE A 455 -11.32 -37.61 -30.75
N ARG A 456 -10.64 -38.74 -30.64
CA ARG A 456 -10.82 -39.85 -31.57
C ARG A 456 -11.90 -40.77 -30.99
N THR A 457 -12.92 -41.07 -31.79
CA THR A 457 -14.06 -41.84 -31.29
C THR A 457 -13.99 -43.33 -31.56
N GLU A 458 -13.06 -43.78 -32.40
CA GLU A 458 -12.96 -45.19 -32.73
C GLU A 458 -12.29 -45.99 -31.61
N GLU A 459 -12.42 -47.31 -31.70
CA GLU A 459 -11.69 -48.23 -30.83
C GLU A 459 -10.39 -48.68 -31.49
N VAL A 460 -9.39 -48.92 -30.66
CA VAL A 460 -8.11 -49.47 -31.10
C VAL A 460 -7.84 -50.73 -30.29
N TRP A 461 -7.50 -51.82 -30.98
CA TRP A 461 -7.23 -53.10 -30.33
C TRP A 461 -5.77 -53.48 -30.55
N THR A 462 -5.11 -53.92 -29.48
CA THR A 462 -3.82 -54.56 -29.66
C THR A 462 -4.01 -55.94 -30.29
N ASP A 463 -2.93 -56.49 -30.84
CA ASP A 463 -2.94 -57.84 -31.36
C ASP A 463 -2.49 -58.79 -30.25
N ALA A 464 -2.24 -60.05 -30.59
CA ALA A 464 -1.85 -61.04 -29.59
C ALA A 464 -0.48 -60.76 -28.98
N ASN A 465 0.30 -59.88 -29.59
CA ASN A 465 1.65 -59.59 -29.13
C ASN A 465 1.77 -58.23 -28.44
N GLY A 466 0.66 -57.53 -28.23
CA GLY A 466 0.68 -56.28 -27.49
C GLY A 466 0.96 -55.05 -28.32
N TRP A 467 0.86 -55.14 -29.64
CA TRP A 467 1.12 -54.04 -30.57
C TRP A 467 -0.20 -53.54 -31.13
N ALA A 468 -0.30 -52.23 -31.29
CA ALA A 468 -1.45 -51.63 -31.97
C ALA A 468 -1.01 -50.35 -32.67
N GLU A 469 -1.81 -49.92 -33.63
CA GLU A 469 -1.57 -48.69 -34.38
C GLU A 469 -2.51 -47.62 -33.84
N PHE A 470 -1.95 -46.62 -33.17
CA PHE A 470 -2.83 -45.63 -32.55
C PHE A 470 -2.90 -44.36 -33.41
N PRO A 471 -4.10 -43.80 -33.62
CA PRO A 471 -4.21 -42.59 -34.45
C PRO A 471 -4.30 -41.30 -33.64
N VAL A 472 -4.06 -40.16 -34.29
CA VAL A 472 -4.15 -38.85 -33.65
C VAL A 472 -4.52 -37.80 -34.69
N ASN A 473 -5.33 -36.82 -34.27
CA ASN A 473 -5.66 -35.65 -35.08
C ASN A 473 -4.47 -34.70 -35.18
N GLY A 474 -4.52 -33.84 -36.19
CA GLY A 474 -3.50 -32.80 -36.31
C GLY A 474 -3.57 -31.79 -35.18
N GLY A 475 -2.39 -31.29 -34.78
CA GLY A 475 -2.27 -30.33 -33.69
C GLY A 475 -3.00 -30.76 -32.43
N SER A 476 -2.88 -32.01 -32.04
CA SER A 476 -3.79 -32.56 -31.02
C SER A 476 -3.06 -33.62 -30.22
N VAL A 477 -3.74 -34.11 -29.17
CA VAL A 477 -3.24 -35.23 -28.38
C VAL A 477 -4.42 -36.15 -28.07
N SER A 478 -4.17 -37.46 -28.10
CA SER A 478 -5.14 -38.44 -27.63
C SER A 478 -4.50 -39.32 -26.57
N VAL A 479 -5.30 -39.76 -25.61
CA VAL A 479 -4.81 -40.59 -24.51
C VAL A 479 -5.60 -41.89 -24.53
N TRP A 480 -5.04 -42.92 -25.18
CA TRP A 480 -5.69 -44.21 -25.33
C TRP A 480 -5.50 -45.03 -24.07
N VAL A 481 -6.59 -45.54 -23.50
CA VAL A 481 -6.51 -46.26 -22.25
C VAL A 481 -7.29 -47.57 -22.39
N SER A 482 -6.64 -48.68 -22.04
CA SER A 482 -7.32 -49.97 -21.93
C SER A 482 -7.41 -50.30 -20.45
N VAL A 483 -8.58 -50.03 -19.86
CA VAL A 483 -8.78 -50.38 -18.44
C VAL A 483 -8.75 -51.89 -18.26
N GLU A 484 -8.47 -52.30 -17.02
CA GLU A 484 -8.44 -53.72 -16.65
C GLU A 484 -9.79 -54.40 -16.93
N ALA B 1 -16.81 27.86 31.83
CA ALA B 1 -16.57 28.91 30.85
C ALA B 1 -15.09 29.02 30.49
N GLN B 2 -14.45 27.87 30.31
CA GLN B 2 -13.07 27.85 29.86
C GLN B 2 -12.99 28.21 28.37
N ASN B 3 -11.93 28.91 27.98
CA ASN B 3 -11.67 29.17 26.56
C ASN B 3 -11.57 27.86 25.80
N GLY B 4 -12.15 27.84 24.59
CA GLY B 4 -11.94 26.70 23.70
C GLY B 4 -10.63 26.81 22.92
N THR B 5 -9.95 25.67 22.78
CA THR B 5 -8.73 25.56 21.99
C THR B 5 -8.73 24.24 21.24
N MET B 6 -8.51 24.31 19.94
CA MET B 6 -8.56 23.15 19.06
C MET B 6 -7.15 22.85 18.57
N MET B 7 -6.91 21.58 18.23
CA MET B 7 -5.70 21.17 17.56
C MET B 7 -6.04 20.43 16.28
N GLN B 8 -5.37 20.79 15.19
CA GLN B 8 -5.29 19.88 14.04
C GLN B 8 -4.39 18.72 14.44
N TYR B 9 -4.98 17.56 14.71
CA TYR B 9 -4.21 16.44 15.27
C TYR B 9 -3.65 15.51 14.19
N PHE B 10 -2.94 16.08 13.22
CA PHE B 10 -2.23 15.34 12.19
C PHE B 10 -1.48 16.36 11.34
N HIS B 11 -0.65 15.85 10.43
CA HIS B 11 -0.10 16.66 9.34
C HIS B 11 0.04 15.73 8.13
N TRP B 12 0.53 16.26 7.03
CA TRP B 12 0.57 15.47 5.79
C TRP B 12 1.45 14.24 5.93
N TYR B 13 2.56 14.34 6.65
CA TYR B 13 3.59 13.29 6.61
C TYR B 13 3.64 12.45 7.89
N VAL B 14 2.51 12.31 8.57
CA VAL B 14 2.35 11.29 9.60
C VAL B 14 2.75 9.97 8.94
N PRO B 15 3.50 9.10 9.62
CA PRO B 15 3.85 7.80 9.02
C PRO B 15 2.63 6.91 8.79
N ASN B 16 2.74 6.01 7.81
CA ASN B 16 1.71 5.01 7.55
C ASN B 16 1.96 3.86 8.51
N ASP B 17 1.54 4.06 9.77
CA ASP B 17 1.74 3.06 10.81
C ASP B 17 0.47 2.63 11.55
N GLY B 18 -0.70 3.14 11.17
CA GLY B 18 -1.94 2.75 11.83
C GLY B 18 -2.02 3.08 13.31
N ALA B 19 -1.31 4.11 13.76
CA ALA B 19 -1.17 4.38 15.18
C ALA B 19 -1.74 5.73 15.60
N LEU B 20 -2.30 6.52 14.69
CA LEU B 20 -2.76 7.85 15.10
C LEU B 20 -3.91 7.78 16.09
N TRP B 21 -4.87 6.89 15.87
CA TRP B 21 -6.00 6.82 16.80
C TRP B 21 -5.54 6.40 18.17
N THR B 22 -4.60 5.44 18.23
CA THR B 22 -3.98 5.05 19.50
C THR B 22 -3.31 6.24 20.18
N GLN B 23 -2.64 7.11 19.39
CA GLN B 23 -1.97 8.29 19.96
C GLN B 23 -2.98 9.28 20.56
N VAL B 24 -4.11 9.48 19.89
CA VAL B 24 -5.17 10.30 20.47
C VAL B 24 -5.60 9.73 21.81
N GLU B 25 -5.85 8.42 21.86
CA GLU B 25 -6.30 7.80 23.09
C GLU B 25 -5.26 7.97 24.19
N ASN B 26 -3.99 7.71 23.84
CA ASN B 26 -2.90 7.77 24.81
C ASN B 26 -2.64 9.19 25.29
N ASN B 27 -2.90 10.20 24.46
CA ASN B 27 -2.53 11.56 24.79
C ASN B 27 -3.69 12.45 25.22
N ALA B 28 -4.93 11.95 25.17
CA ALA B 28 -6.08 12.80 25.46
C ALA B 28 -5.96 13.46 26.84
N SER B 29 -5.51 12.70 27.85
CA SER B 29 -5.45 13.27 29.19
C SER B 29 -4.47 14.45 29.25
N ALA B 30 -3.29 14.27 28.68
CA ALA B 30 -2.30 15.35 28.70
C ALA B 30 -2.75 16.55 27.88
N LEU B 31 -3.39 16.31 26.73
CA LEU B 31 -3.89 17.41 25.93
C LEU B 31 -4.94 18.23 26.68
N SER B 32 -5.85 17.55 27.36
CA SER B 32 -6.85 18.27 28.14
C SER B 32 -6.20 19.06 29.27
N ASP B 33 -5.24 18.46 29.96
CA ASP B 33 -4.51 19.16 31.02
C ASP B 33 -3.84 20.44 30.49
N ASN B 34 -3.28 20.38 29.29
CA ASN B 34 -2.65 21.55 28.72
C ASN B 34 -3.68 22.63 28.40
N GLY B 35 -4.91 22.25 28.06
CA GLY B 35 -5.95 23.23 27.75
C GLY B 35 -6.70 22.98 26.45
N PHE B 36 -6.38 21.91 25.73
CA PHE B 36 -7.11 21.64 24.49
C PHE B 36 -8.51 21.14 24.81
N THR B 37 -9.50 21.66 24.10
CA THR B 37 -10.87 21.25 24.29
C THR B 37 -11.49 20.59 23.05
N ALA B 38 -10.78 20.57 21.93
CA ALA B 38 -11.28 19.92 20.72
C ALA B 38 -10.12 19.49 19.84
N LEU B 39 -10.34 18.40 19.10
CA LEU B 39 -9.35 17.90 18.14
C LEU B 39 -10.05 17.73 16.81
N TRP B 40 -9.45 18.31 15.77
CA TRP B 40 -9.81 17.99 14.39
C TRP B 40 -8.98 16.78 13.95
N LEU B 41 -9.65 15.68 13.66
CA LEU B 41 -8.98 14.48 13.24
C LEU B 41 -9.03 14.34 11.71
N PRO B 42 -8.04 13.68 11.10
CA PRO B 42 -8.02 13.53 9.63
C PRO B 42 -9.13 12.60 9.16
N PRO B 43 -9.43 12.59 7.86
CA PRO B 43 -10.47 11.70 7.34
C PRO B 43 -10.27 10.27 7.83
N ALA B 44 -11.34 9.70 8.41
CA ALA B 44 -11.24 8.43 9.10
C ALA B 44 -11.70 7.24 8.28
N TYR B 45 -12.06 7.44 7.01
CA TYR B 45 -12.61 6.39 6.16
C TYR B 45 -11.64 6.05 5.03
N LYS B 46 -11.94 4.96 4.33
CA LYS B 46 -10.99 4.35 3.41
C LYS B 46 -10.80 5.19 2.16
N GLY B 47 -9.53 5.45 1.81
CA GLY B 47 -9.18 6.23 0.64
C GLY B 47 -8.64 5.40 -0.52
N ALA B 48 -8.67 6.00 -1.72
CA ALA B 48 -8.18 5.32 -2.92
C ALA B 48 -6.71 4.91 -2.80
N GLY B 49 -5.94 5.63 -2.00
CA GLY B 49 -4.55 5.30 -1.78
C GLY B 49 -4.32 4.20 -0.77
N GLY B 50 -5.39 3.58 -0.28
CA GLY B 50 -5.20 2.56 0.75
C GLY B 50 -4.69 3.19 2.04
N SER B 51 -3.87 2.43 2.78
CA SER B 51 -3.36 2.97 4.03
C SER B 51 -2.33 4.09 3.82
N ASN B 52 -1.82 4.29 2.62
CA ASN B 52 -0.98 5.44 2.34
C ASN B 52 -1.77 6.74 2.20
N ASP B 53 -3.10 6.64 2.04
CA ASP B 53 -3.91 7.84 1.77
C ASP B 53 -4.00 8.73 3.02
N VAL B 54 -3.65 10.01 2.85
CA VAL B 54 -3.89 10.97 3.93
C VAL B 54 -5.38 11.04 4.25
N GLY B 55 -6.23 10.70 3.28
CA GLY B 55 -7.65 10.61 3.52
C GLY B 55 -8.48 11.41 2.54
N TYR B 56 -7.82 12.28 1.79
CA TYR B 56 -8.56 13.13 0.87
C TYR B 56 -8.85 12.46 -0.47
N GLY B 57 -8.27 11.31 -0.75
CA GLY B 57 -8.64 10.51 -1.91
C GLY B 57 -9.78 9.57 -1.58
N VAL B 58 -10.84 10.11 -0.98
CA VAL B 58 -11.94 9.34 -0.38
C VAL B 58 -12.54 8.31 -1.34
N TYR B 59 -12.53 7.05 -0.92
CA TYR B 59 -13.15 5.94 -1.65
C TYR B 59 -14.50 5.55 -1.04
N ASP B 60 -14.52 5.06 0.21
CA ASP B 60 -15.73 4.53 0.83
C ASP B 60 -15.90 5.14 2.22
N MET B 61 -16.85 6.09 2.35
CA MET B 61 -17.05 6.80 3.62
C MET B 61 -17.71 5.95 4.69
N TYR B 62 -18.22 4.75 4.36
CA TYR B 62 -18.75 3.83 5.36
C TYR B 62 -17.72 2.83 5.86
N ASP B 63 -16.47 2.91 5.38
CA ASP B 63 -15.40 1.99 5.79
C ASP B 63 -14.46 2.80 6.66
N LEU B 64 -14.62 2.71 7.98
CA LEU B 64 -13.78 3.49 8.88
C LEU B 64 -12.53 2.72 9.28
N GLY B 65 -11.96 1.93 8.37
CA GLY B 65 -10.92 1.02 8.79
C GLY B 65 -11.50 -0.27 9.33
N GLU B 66 -12.61 -0.71 8.77
CA GLU B 66 -13.34 -1.89 9.18
C GLU B 66 -13.38 -3.01 8.12
N PHE B 67 -13.29 -2.69 6.84
CA PHE B 67 -13.45 -3.69 5.78
C PHE B 67 -12.18 -3.81 4.96
N ASP B 68 -11.99 -4.98 4.35
CA ASP B 68 -10.79 -5.23 3.56
C ASP B 68 -11.03 -4.66 2.18
N GLN B 69 -10.56 -3.43 1.98
CA GLN B 69 -10.74 -2.68 0.74
C GLN B 69 -9.52 -1.80 0.55
N GLN B 70 -9.11 -1.67 -0.72
CA GLN B 70 -7.96 -0.86 -1.12
C GLN B 70 -6.66 -1.30 -0.45
N GLY B 71 -6.52 -2.61 -0.19
CA GLY B 71 -5.25 -3.21 0.19
C GLY B 71 -5.04 -3.45 1.67
N SER B 72 -5.94 -2.98 2.53
CA SER B 72 -5.80 -3.23 3.95
C SER B 72 -7.17 -3.12 4.59
N VAL B 73 -7.26 -3.58 5.84
CA VAL B 73 -8.46 -3.28 6.62
C VAL B 73 -8.37 -1.87 7.19
N ARG B 74 -7.28 -1.56 7.90
CA ARG B 74 -7.20 -0.24 8.52
C ARG B 74 -6.99 0.88 7.48
N THR B 75 -7.34 2.11 7.88
CA THR B 75 -6.91 3.29 7.17
C THR B 75 -5.46 3.58 7.55
N LYS B 76 -4.91 4.72 7.09
CA LYS B 76 -3.60 5.16 7.54
C LYS B 76 -3.53 5.28 9.05
N TYR B 77 -4.66 5.62 9.67
CA TYR B 77 -4.70 6.09 11.05
C TYR B 77 -5.07 5.01 12.06
N GLY B 78 -5.64 3.89 11.61
CA GLY B 78 -5.97 2.78 12.48
C GLY B 78 -7.26 2.12 12.05
N THR B 79 -7.81 1.28 12.94
CA THR B 79 -9.04 0.54 12.65
C THR B 79 -10.26 1.30 13.14
N LYS B 80 -11.44 0.84 12.71
CA LYS B 80 -12.69 1.45 13.15
C LYS B 80 -12.83 1.38 14.66
N ASP B 81 -12.54 0.23 15.26
CA ASP B 81 -12.62 0.11 16.72
C ASP B 81 -11.68 1.08 17.40
N GLN B 82 -10.46 1.27 16.85
CA GLN B 82 -9.54 2.22 17.46
C GLN B 82 -10.03 3.66 17.34
N TYR B 83 -10.70 3.99 16.23
CA TYR B 83 -11.24 5.34 16.05
C TYR B 83 -12.31 5.63 17.09
N LEU B 84 -13.25 4.69 17.26
CA LEU B 84 -14.31 4.86 18.24
C LEU B 84 -13.75 4.94 19.66
N SER B 85 -12.74 4.10 19.96
CA SER B 85 -12.12 4.16 21.27
C SER B 85 -11.38 5.47 21.49
N ALA B 86 -10.72 6.00 20.46
CA ALA B 86 -10.07 7.31 20.62
C ALA B 86 -11.08 8.41 20.90
N ILE B 87 -12.23 8.38 20.23
CA ILE B 87 -13.24 9.40 20.45
C ILE B 87 -13.84 9.25 21.84
N ASN B 88 -14.07 8.01 22.28
CA ASN B 88 -14.60 7.76 23.62
C ASN B 88 -13.64 8.30 24.67
N THR B 89 -12.34 8.03 24.50
CA THR B 89 -11.33 8.54 25.43
C THR B 89 -11.25 10.07 25.39
N ALA B 90 -11.39 10.67 24.21
CA ALA B 90 -11.44 12.12 24.17
C ALA B 90 -12.61 12.65 25.00
N HIS B 91 -13.78 12.02 24.87
CA HIS B 91 -14.95 12.44 25.64
C HIS B 91 -14.74 12.25 27.14
N LYS B 92 -14.07 11.17 27.55
CA LYS B 92 -13.69 11.00 28.95
C LYS B 92 -12.95 12.21 29.47
N ASN B 93 -12.12 12.80 28.62
CA ASN B 93 -11.23 13.89 29.00
C ASN B 93 -11.74 15.26 28.58
N ASN B 94 -13.05 15.39 28.38
CA ASN B 94 -13.70 16.68 28.09
C ASN B 94 -13.14 17.31 26.82
N ILE B 95 -12.86 16.47 25.82
CA ILE B 95 -12.39 16.92 24.52
C ILE B 95 -13.40 16.50 23.46
N GLN B 96 -13.87 17.46 22.67
CA GLN B 96 -14.77 17.20 21.56
C GLN B 96 -13.96 16.85 20.31
N ILE B 97 -14.59 16.10 19.39
CA ILE B 97 -13.91 15.61 18.19
C ILE B 97 -14.64 16.15 16.96
N TYR B 98 -13.88 16.79 16.06
CA TYR B 98 -14.38 17.23 14.76
C TYR B 98 -13.84 16.29 13.69
N GLY B 99 -14.73 15.58 13.01
CA GLY B 99 -14.31 14.66 11.95
C GLY B 99 -14.18 15.37 10.62
N ASP B 100 -13.14 15.00 9.86
CA ASP B 100 -12.86 15.61 8.56
C ASP B 100 -13.80 15.00 7.53
N VAL B 101 -14.57 15.85 6.84
CA VAL B 101 -15.60 15.40 5.90
C VAL B 101 -15.18 15.79 4.49
N VAL B 102 -15.03 14.79 3.61
CA VAL B 102 -14.52 15.00 2.25
C VAL B 102 -15.67 14.67 1.28
N PHE B 103 -16.37 15.70 0.82
CA PHE B 103 -17.53 15.54 -0.04
C PHE B 103 -17.29 15.92 -1.49
N ASN B 104 -16.15 16.54 -1.81
CA ASN B 104 -16.03 17.11 -3.15
C ASN B 104 -16.04 16.04 -4.23
N HIS B 105 -15.43 14.89 -3.97
CA HIS B 105 -15.15 13.92 -5.02
C HIS B 105 -15.10 12.53 -4.43
N ARG B 106 -14.96 11.52 -5.30
CA ARG B 106 -14.66 10.14 -4.91
C ARG B 106 -13.61 9.60 -5.85
N GLY B 107 -12.64 8.84 -5.31
CA GLY B 107 -11.60 8.23 -6.11
C GLY B 107 -11.52 6.73 -5.89
N GLY B 108 -10.74 6.07 -6.74
CA GLY B 108 -10.54 4.63 -6.62
C GLY B 108 -11.74 3.78 -6.98
N ALA B 109 -12.48 4.18 -8.01
CA ALA B 109 -13.73 3.49 -8.37
C ALA B 109 -13.49 2.00 -8.66
N ASP B 110 -14.50 1.20 -8.35
CA ASP B 110 -14.47 -0.23 -8.59
C ASP B 110 -14.58 -0.58 -10.08
N GLY B 111 -15.24 0.26 -10.87
CA GLY B 111 -15.41 -0.02 -12.28
C GLY B 111 -15.40 1.27 -13.09
N LYS B 112 -15.30 1.11 -14.40
CA LYS B 112 -15.34 2.23 -15.33
C LYS B 112 -16.50 2.02 -16.30
N SER B 113 -17.01 3.12 -16.84
CA SER B 113 -18.11 3.00 -17.79
C SER B 113 -18.05 4.16 -18.77
N TRP B 114 -18.73 3.99 -19.90
CA TRP B 114 -18.65 4.98 -20.96
C TRP B 114 -19.63 6.11 -20.70
N VAL B 115 -19.15 7.35 -20.83
CA VAL B 115 -19.93 8.53 -20.53
C VAL B 115 -19.76 9.54 -21.66
N ASP B 116 -20.87 10.16 -22.06
CA ASP B 116 -20.86 11.24 -23.05
C ASP B 116 -20.49 12.55 -22.35
N THR B 117 -19.43 13.23 -22.81
CA THR B 117 -18.93 14.39 -22.09
C THR B 117 -18.62 15.55 -23.03
N LYS B 118 -18.39 16.72 -22.42
CA LYS B 118 -17.76 17.86 -23.06
C LYS B 118 -16.39 18.07 -22.44
N ARG B 119 -15.37 18.25 -23.27
CA ARG B 119 -14.12 18.79 -22.79
C ARG B 119 -14.33 20.26 -22.45
N VAL B 120 -13.75 20.71 -21.34
CA VAL B 120 -13.81 22.12 -20.99
C VAL B 120 -12.39 22.64 -20.80
N ASP B 121 -12.26 23.95 -20.90
CA ASP B 121 -10.96 24.62 -20.81
C ASP B 121 -10.47 24.55 -19.37
N TRP B 122 -9.20 24.15 -19.18
CA TRP B 122 -8.65 24.00 -17.83
C TRP B 122 -8.71 25.30 -17.02
N ASN B 123 -8.51 26.43 -17.67
CA ASN B 123 -8.45 27.72 -17.00
C ASN B 123 -9.78 28.47 -16.99
N ASN B 124 -10.75 28.04 -17.79
CA ASN B 124 -12.12 28.55 -17.73
C ASN B 124 -13.04 27.36 -18.03
N ARG B 125 -13.52 26.71 -16.97
CA ARG B 125 -14.34 25.52 -17.14
C ARG B 125 -15.75 25.83 -17.62
N ASN B 126 -16.11 27.12 -17.77
CA ASN B 126 -17.34 27.48 -18.45
C ASN B 126 -17.21 27.41 -19.98
N ILE B 127 -16.00 27.22 -20.51
CA ILE B 127 -15.78 27.17 -21.96
C ILE B 127 -15.77 25.72 -22.38
N GLU B 128 -16.72 25.34 -23.23
CA GLU B 128 -16.73 24.00 -23.81
C GLU B 128 -15.83 23.94 -25.05
N LEU B 129 -15.05 22.85 -25.15
CA LEU B 129 -14.03 22.65 -26.18
C LEU B 129 -14.29 21.42 -27.05
N GLY B 130 -15.50 20.86 -27.04
CA GLY B 130 -15.78 19.72 -27.90
C GLY B 130 -16.33 18.50 -27.18
N ASP B 131 -17.13 17.72 -27.90
CA ASP B 131 -17.75 16.53 -27.36
C ASP B 131 -16.76 15.38 -27.31
N LYS B 132 -16.85 14.54 -26.28
CA LYS B 132 -16.03 13.34 -26.26
C LYS B 132 -16.66 12.24 -25.44
N TRP B 133 -16.74 11.04 -26.03
CA TRP B 133 -17.13 9.84 -25.29
C TRP B 133 -15.89 9.29 -24.61
N ILE B 134 -15.98 9.09 -23.29
CA ILE B 134 -14.83 8.63 -22.50
C ILE B 134 -15.24 7.42 -21.70
N GLU B 135 -14.22 6.70 -21.21
CA GLU B 135 -14.42 5.62 -20.25
C GLU B 135 -13.92 6.15 -18.90
N ALA B 136 -14.84 6.30 -17.94
CA ALA B 136 -14.54 7.04 -16.71
C ALA B 136 -14.71 6.15 -15.49
N TRP B 137 -13.88 6.40 -14.48
CA TRP B 137 -13.86 5.60 -13.25
C TRP B 137 -14.90 6.18 -12.30
N VAL B 138 -16.15 5.72 -12.42
CA VAL B 138 -17.28 6.32 -11.72
C VAL B 138 -18.26 5.27 -11.20
N GLU B 139 -17.90 4.00 -11.22
CA GLU B 139 -18.76 2.95 -10.66
C GLU B 139 -18.19 2.50 -9.31
N PHE B 140 -18.96 2.65 -8.24
CA PHE B 140 -18.55 2.26 -6.90
C PHE B 140 -19.62 1.37 -6.30
N ASP B 141 -19.26 0.12 -5.95
CA ASP B 141 -20.16 -0.74 -5.22
C ASP B 141 -19.54 -1.35 -3.96
N PHE B 142 -18.30 -1.01 -3.62
CA PHE B 142 -17.71 -1.33 -2.32
C PHE B 142 -17.82 -2.82 -1.96
N PRO B 143 -17.29 -3.71 -2.82
CA PRO B 143 -17.52 -5.15 -2.60
C PRO B 143 -16.91 -5.70 -1.32
N GLY B 144 -15.83 -5.12 -0.82
CA GLY B 144 -15.32 -5.57 0.47
C GLY B 144 -16.26 -5.32 1.63
N ARG B 145 -17.15 -4.34 1.49
CA ARG B 145 -18.08 -4.00 2.57
C ARG B 145 -19.36 -4.78 2.45
N ASN B 146 -19.71 -5.19 1.23
CA ASN B 146 -20.83 -6.09 0.99
C ASN B 146 -22.13 -5.52 1.53
N ASP B 147 -22.31 -4.20 1.37
CA ASP B 147 -23.51 -3.44 1.69
C ASP B 147 -23.82 -3.33 3.18
N LYS B 148 -22.90 -3.69 4.07
CA LYS B 148 -23.13 -3.36 5.47
C LYS B 148 -23.30 -1.85 5.63
N TYR B 149 -24.27 -1.45 6.45
CA TYR B 149 -24.63 -0.06 6.75
C TYR B 149 -25.37 0.64 5.61
N SER B 150 -25.03 0.34 4.35
CA SER B 150 -25.63 1.09 3.25
C SER B 150 -25.49 0.32 1.94
N ASN B 151 -26.57 0.21 1.18
CA ASN B 151 -26.52 -0.43 -0.12
C ASN B 151 -26.48 0.57 -1.27
N PHE B 152 -26.18 1.83 -0.98
CA PHE B 152 -26.09 2.84 -2.02
C PHE B 152 -24.85 2.62 -2.85
N HIS B 153 -25.02 2.54 -4.17
CA HIS B 153 -23.91 2.38 -5.11
C HIS B 153 -23.84 3.61 -6.01
N TRP B 154 -22.62 4.09 -6.26
CA TRP B 154 -22.39 5.27 -7.08
C TRP B 154 -22.24 4.85 -8.56
N THR B 155 -22.81 5.67 -9.45
CA THR B 155 -22.70 5.44 -10.89
C THR B 155 -22.52 6.81 -11.55
N TRP B 156 -22.42 6.81 -12.88
CA TRP B 156 -21.89 7.98 -13.58
C TRP B 156 -22.70 9.26 -13.33
N TYR B 157 -24.04 9.16 -13.26
CA TYR B 157 -24.85 10.38 -13.17
C TYR B 157 -24.83 11.01 -11.79
N HIS B 158 -24.23 10.36 -10.80
CA HIS B 158 -23.97 11.01 -9.52
C HIS B 158 -22.84 12.02 -9.59
N PHE B 159 -22.10 12.09 -10.71
CA PHE B 159 -20.91 12.93 -10.81
C PHE B 159 -21.09 13.96 -11.92
N ASP B 160 -20.43 15.12 -11.75
CA ASP B 160 -20.46 16.14 -12.79
C ASP B 160 -19.32 16.01 -13.79
N GLY B 161 -18.25 15.31 -13.46
CA GLY B 161 -17.11 15.25 -14.36
C GLY B 161 -15.98 14.46 -13.74
N VAL B 162 -14.96 14.20 -14.57
CA VAL B 162 -13.73 13.51 -14.19
C VAL B 162 -12.58 14.18 -14.94
N ASP B 163 -11.35 13.78 -14.60
CA ASP B 163 -10.19 14.33 -15.30
C ASP B 163 -9.41 13.28 -16.08
N TRP B 164 -9.97 12.09 -16.27
CA TRP B 164 -9.22 11.01 -16.91
C TRP B 164 -10.17 10.18 -17.77
N ASP B 165 -9.77 9.93 -19.01
CA ASP B 165 -10.46 9.02 -19.92
C ASP B 165 -9.62 7.75 -20.00
N ASP B 166 -10.14 6.64 -19.49
CA ASP B 166 -9.32 5.44 -19.46
C ASP B 166 -9.17 4.80 -20.84
N ALA B 167 -10.07 5.08 -21.78
CA ALA B 167 -10.00 4.47 -23.11
C ALA B 167 -8.91 5.10 -23.97
N GLY B 168 -8.96 6.41 -24.13
CA GLY B 168 -7.88 7.12 -24.80
C GLY B 168 -6.68 7.42 -23.94
N GLU B 169 -6.73 7.09 -22.65
CA GLU B 169 -5.63 7.32 -21.73
C GLU B 169 -5.19 8.78 -21.75
N GLU B 170 -6.16 9.68 -21.51
CA GLU B 170 -5.98 11.12 -21.67
C GLU B 170 -6.38 11.87 -20.41
N LYS B 171 -5.49 12.76 -19.94
CA LYS B 171 -5.76 13.66 -18.83
C LYS B 171 -6.33 14.97 -19.35
N ALA B 172 -7.57 15.27 -18.97
CA ALA B 172 -8.28 16.49 -19.35
C ALA B 172 -9.58 16.54 -18.55
N ILE B 173 -10.12 17.74 -18.37
CA ILE B 173 -11.37 17.86 -17.61
C ILE B 173 -12.53 17.55 -18.55
N PHE B 174 -13.30 16.51 -18.23
CA PHE B 174 -14.45 16.12 -19.02
C PHE B 174 -15.71 16.35 -18.19
N LYS B 175 -16.59 17.25 -18.64
CA LYS B 175 -17.84 17.53 -17.96
C LYS B 175 -18.94 16.63 -18.51
N PHE B 176 -19.67 15.97 -17.62
CA PHE B 176 -20.66 14.98 -18.04
C PHE B 176 -21.89 15.66 -18.64
N LYS B 177 -22.38 15.10 -19.75
CA LYS B 177 -23.60 15.57 -20.38
C LYS B 177 -24.82 14.84 -19.83
N GLY B 178 -26.00 15.40 -20.13
CA GLY B 178 -27.24 14.80 -19.70
C GLY B 178 -28.22 15.84 -19.21
N GLU B 179 -29.48 15.45 -19.00
CA GLU B 179 -30.47 16.42 -18.57
C GLU B 179 -30.13 16.92 -17.18
N GLY B 180 -30.09 18.24 -17.04
CA GLY B 180 -29.74 18.83 -15.77
C GLY B 180 -28.29 18.69 -15.38
N LYS B 181 -27.40 18.32 -16.31
CA LYS B 181 -25.98 18.18 -16.00
C LYS B 181 -25.26 19.50 -16.23
N ALA B 182 -24.57 19.98 -15.21
CA ALA B 182 -23.87 21.26 -15.25
C ALA B 182 -22.90 21.28 -14.08
N TRP B 183 -21.83 22.07 -14.21
CA TRP B 183 -21.07 22.40 -13.01
C TRP B 183 -22.04 23.01 -11.99
N ASP B 184 -21.85 22.66 -10.72
CA ASP B 184 -22.67 23.20 -9.65
C ASP B 184 -22.43 24.70 -9.48
N TRP B 185 -23.42 25.37 -8.88
CA TRP B 185 -23.34 26.79 -8.55
C TRP B 185 -24.22 26.99 -7.32
N GLU B 186 -23.76 27.78 -6.34
CA GLU B 186 -22.54 28.57 -6.39
C GLU B 186 -21.29 27.85 -5.86
N VAL B 187 -20.19 28.05 -6.57
CA VAL B 187 -18.86 27.63 -6.15
C VAL B 187 -17.93 28.80 -6.46
N SER B 188 -16.64 28.62 -6.20
CA SER B 188 -15.71 29.69 -6.49
C SER B 188 -15.70 29.98 -7.99
N SER B 189 -15.64 31.27 -8.35
CA SER B 189 -15.54 31.63 -9.76
C SER B 189 -14.11 31.71 -10.25
N GLU B 190 -13.15 31.34 -9.41
CA GLU B 190 -11.80 31.14 -9.91
C GLU B 190 -11.82 30.02 -10.95
N LYS B 191 -11.00 30.19 -11.99
CA LYS B 191 -11.05 29.34 -13.20
C LYS B 191 -12.45 29.30 -13.80
N GLY B 192 -13.18 30.40 -13.66
CA GLY B 192 -14.52 30.55 -14.20
C GLY B 192 -15.56 29.83 -13.35
N ASN B 193 -15.33 28.54 -13.15
CA ASN B 193 -16.14 27.75 -12.22
C ASN B 193 -15.22 26.69 -11.64
N TYR B 194 -14.98 26.74 -10.33
CA TYR B 194 -14.01 25.86 -9.67
C TYR B 194 -14.67 24.63 -9.06
N ASP B 195 -15.82 24.19 -9.59
CA ASP B 195 -16.46 22.97 -9.08
C ASP B 195 -15.52 21.78 -9.21
N TYR B 196 -14.87 21.61 -10.37
CA TYR B 196 -13.99 20.47 -10.60
C TYR B 196 -12.63 20.70 -9.96
N LEU B 197 -12.18 19.72 -9.18
CA LEU B 197 -10.85 19.73 -8.59
C LEU B 197 -10.04 18.51 -9.00
N MET B 198 -10.51 17.31 -8.66
CA MET B 198 -9.78 16.09 -8.94
C MET B 198 -10.74 14.92 -8.81
N TYR B 199 -10.27 13.74 -9.25
CA TYR B 199 -11.02 12.49 -9.20
C TYR B 199 -12.40 12.66 -9.83
N ALA B 200 -13.43 11.99 -9.29
CA ALA B 200 -14.78 12.06 -9.83
C ALA B 200 -15.58 13.06 -9.01
N ASP B 201 -15.99 14.15 -9.63
CA ASP B 201 -16.60 15.27 -8.94
C ASP B 201 -18.08 15.02 -8.64
N LEU B 202 -18.47 15.13 -7.38
CA LEU B 202 -19.86 14.89 -6.99
C LEU B 202 -20.77 15.95 -7.57
N ASP B 203 -21.94 15.52 -8.06
CA ASP B 203 -22.97 16.44 -8.56
C ASP B 203 -23.87 16.78 -7.39
N MET B 204 -23.69 17.97 -6.82
CA MET B 204 -24.46 18.32 -5.64
C MET B 204 -25.90 18.73 -5.98
N ASP B 205 -26.24 18.78 -7.27
CA ASP B 205 -27.60 19.03 -7.69
C ASP B 205 -28.38 17.74 -7.86
N HIS B 206 -27.73 16.59 -7.76
CA HIS B 206 -28.45 15.35 -8.02
C HIS B 206 -29.18 14.89 -6.77
N PRO B 207 -30.47 14.57 -6.84
CA PRO B 207 -31.22 14.29 -5.60
C PRO B 207 -30.74 13.07 -4.86
N GLU B 208 -30.23 12.04 -5.56
CA GLU B 208 -29.75 10.88 -4.81
C GLU B 208 -28.45 11.18 -4.08
N VAL B 209 -27.63 12.07 -4.63
CA VAL B 209 -26.42 12.51 -3.94
C VAL B 209 -26.79 13.37 -2.74
N LYS B 210 -27.71 14.31 -2.92
CA LYS B 210 -28.10 15.16 -1.80
C LYS B 210 -28.63 14.32 -0.64
N GLN B 211 -29.41 13.29 -0.94
CA GLN B 211 -29.94 12.45 0.13
C GLN B 211 -28.86 11.54 0.71
N GLU B 212 -27.99 11.01 -0.15
CA GLU B 212 -27.01 10.03 0.33
C GLU B 212 -26.03 10.66 1.33
N LEU B 213 -25.60 11.91 1.07
CA LEU B 213 -24.65 12.52 2.01
C LEU B 213 -25.30 12.83 3.35
N LYS B 214 -26.59 13.21 3.34
CA LYS B 214 -27.30 13.38 4.59
C LYS B 214 -27.43 12.06 5.33
N ASP B 215 -27.79 10.99 4.61
CA ASP B 215 -27.89 9.65 5.21
C ASP B 215 -26.57 9.24 5.83
N TRP B 216 -25.46 9.42 5.08
CA TRP B 216 -24.16 9.07 5.63
C TRP B 216 -23.85 9.92 6.86
N GLY B 217 -24.17 11.21 6.80
CA GLY B 217 -23.85 12.07 7.93
C GLY B 217 -24.56 11.65 9.21
N GLU B 218 -25.84 11.26 9.10
CA GLU B 218 -26.52 10.75 10.30
C GLU B 218 -25.91 9.45 10.77
N TRP B 219 -25.62 8.52 9.85
CA TRP B 219 -25.00 7.25 10.26
C TRP B 219 -23.68 7.49 10.97
N TYR B 220 -22.87 8.42 10.43
CA TYR B 220 -21.54 8.68 10.96
C TYR B 220 -21.62 9.26 12.38
N ILE B 221 -22.50 10.25 12.59
CA ILE B 221 -22.67 10.79 13.93
C ILE B 221 -23.07 9.69 14.89
N ASN B 222 -24.01 8.83 14.49
CA ASN B 222 -24.51 7.80 15.39
C ASN B 222 -23.46 6.73 15.65
N MET B 223 -22.69 6.37 14.62
CA MET B 223 -21.70 5.31 14.78
C MET B 223 -20.49 5.78 15.59
N THR B 224 -20.03 7.01 15.41
CA THR B 224 -18.72 7.42 15.93
C THR B 224 -18.81 8.27 17.19
N GLY B 225 -19.85 9.07 17.33
CA GLY B 225 -19.92 10.01 18.42
C GLY B 225 -19.18 11.31 18.18
N VAL B 226 -18.78 11.63 16.95
CA VAL B 226 -18.12 12.92 16.72
C VAL B 226 -19.07 14.04 17.12
N ASP B 227 -18.46 15.17 17.49
CA ASP B 227 -19.20 16.32 17.99
C ASP B 227 -19.37 17.42 16.96
N GLY B 228 -18.67 17.31 15.84
CA GLY B 228 -18.67 18.35 14.83
C GLY B 228 -17.86 17.90 13.64
N PHE B 229 -17.59 18.85 12.73
CA PHE B 229 -17.01 18.53 11.43
C PHE B 229 -16.02 19.58 10.98
N ARG B 230 -15.00 19.13 10.27
CA ARG B 230 -14.16 19.96 9.42
C ARG B 230 -14.47 19.62 7.96
N MET B 231 -14.92 20.60 7.19
CA MET B 231 -15.41 20.37 5.83
C MET B 231 -14.29 20.65 4.82
N ASP B 232 -13.89 19.62 4.08
CA ASP B 232 -12.82 19.75 3.10
C ASP B 232 -13.32 20.44 1.84
N ALA B 233 -12.46 21.30 1.27
CA ALA B 233 -12.57 21.77 -0.12
C ALA B 233 -13.86 22.54 -0.39
N VAL B 234 -14.29 23.39 0.57
CA VAL B 234 -15.64 23.95 0.41
C VAL B 234 -15.75 24.92 -0.75
N LYS B 235 -14.64 25.51 -1.21
CA LYS B 235 -14.79 26.39 -2.36
C LYS B 235 -15.10 25.65 -3.65
N HIS B 236 -15.00 24.32 -3.65
CA HIS B 236 -15.31 23.46 -4.79
C HIS B 236 -16.65 22.73 -4.64
N ILE B 237 -17.41 23.02 -3.59
CA ILE B 237 -18.65 22.33 -3.28
C ILE B 237 -19.79 23.34 -3.22
N LYS B 238 -20.87 23.09 -3.95
CA LYS B 238 -22.02 23.98 -3.99
C LYS B 238 -22.36 24.54 -2.60
N TYR B 239 -22.24 25.87 -2.46
CA TYR B 239 -22.39 26.49 -1.14
C TYR B 239 -23.73 26.16 -0.52
N GLN B 240 -24.80 26.28 -1.32
CA GLN B 240 -26.13 26.06 -0.80
C GLN B 240 -26.34 24.63 -0.32
N TYR B 241 -25.63 23.65 -0.91
CA TYR B 241 -25.80 22.29 -0.41
C TYR B 241 -25.05 22.11 0.91
N LEU B 242 -23.90 22.77 1.07
CA LEU B 242 -23.20 22.67 2.34
C LEU B 242 -24.08 23.16 3.48
N GLN B 243 -24.78 24.29 3.28
CA GLN B 243 -25.69 24.74 4.32
C GLN B 243 -26.85 23.76 4.50
N GLU B 244 -27.42 23.27 3.40
CA GLU B 244 -28.53 22.33 3.50
C GLU B 244 -28.16 21.10 4.32
N TRP B 245 -26.93 20.60 4.12
CA TRP B 245 -26.49 19.38 4.79
C TRP B 245 -26.32 19.60 6.30
N ILE B 246 -25.62 20.68 6.71
CA ILE B 246 -25.39 20.83 8.14
C ILE B 246 -26.67 21.27 8.85
N ASP B 247 -27.48 22.11 8.20
CA ASP B 247 -28.80 22.45 8.75
C ASP B 247 -29.62 21.18 8.99
N HIS B 248 -29.59 20.24 8.03
CA HIS B 248 -30.38 19.02 8.19
C HIS B 248 -29.91 18.22 9.39
N LEU B 249 -28.59 18.05 9.53
CA LEU B 249 -28.08 17.22 10.62
C LEU B 249 -28.31 17.87 11.98
N ARG B 250 -28.15 19.19 12.05
CA ARG B 250 -28.47 19.87 13.31
C ARG B 250 -29.95 19.71 13.63
N TRP B 251 -30.81 19.88 12.63
CA TRP B 251 -32.24 19.65 12.83
C TRP B 251 -32.51 18.22 13.29
N LYS B 252 -31.92 17.24 12.60
CA LYS B 252 -32.23 15.83 12.86
C LYS B 252 -31.72 15.36 14.22
N THR B 253 -30.55 15.84 14.64
CA THR B 253 -29.96 15.33 15.87
C THR B 253 -30.17 16.21 17.08
N GLY B 254 -30.53 17.48 16.88
CA GLY B 254 -30.55 18.38 18.02
C GLY B 254 -29.19 18.74 18.58
N LYS B 255 -28.10 18.34 17.92
CA LYS B 255 -26.75 18.58 18.39
C LYS B 255 -26.21 19.89 17.82
N GLU B 256 -25.28 20.51 18.54
CA GLU B 256 -24.69 21.76 18.07
C GLU B 256 -23.89 21.54 16.77
N LEU B 257 -23.11 20.46 16.70
CA LEU B 257 -22.33 20.10 15.51
C LEU B 257 -21.56 21.30 14.95
N PHE B 258 -20.70 21.87 15.80
CA PHE B 258 -19.79 22.90 15.32
C PHE B 258 -19.09 22.45 14.05
N THR B 259 -19.07 23.32 13.04
CA THR B 259 -18.52 22.98 11.73
C THR B 259 -17.60 24.10 11.26
N VAL B 260 -16.42 23.74 10.78
CA VAL B 260 -15.52 24.71 10.16
C VAL B 260 -15.19 24.21 8.75
N GLY B 261 -15.27 25.10 7.77
CA GLY B 261 -14.89 24.77 6.41
C GLY B 261 -13.48 25.24 6.07
N GLU B 262 -12.82 24.47 5.19
CA GLU B 262 -11.55 24.87 4.57
C GLU B 262 -11.86 25.57 3.25
N TYR B 263 -11.86 26.90 3.24
CA TYR B 263 -11.94 27.72 2.03
C TYR B 263 -10.57 28.36 1.89
N TRP B 264 -9.65 27.66 1.23
CA TRP B 264 -8.25 28.10 1.29
C TRP B 264 -8.01 29.14 0.21
N ASN B 265 -8.14 30.42 0.60
CA ASN B 265 -7.92 31.56 -0.28
C ASN B 265 -7.53 32.74 0.61
N TYR B 266 -6.63 33.59 0.10
CA TYR B 266 -6.07 34.66 0.92
C TYR B 266 -6.78 36.00 0.75
N ASP B 267 -7.80 36.08 -0.09
CA ASP B 267 -8.66 37.26 -0.19
C ASP B 267 -9.88 37.06 0.72
N VAL B 268 -9.90 37.78 1.85
CA VAL B 268 -10.95 37.57 2.83
C VAL B 268 -12.35 37.79 2.24
N ASN B 269 -12.46 38.58 1.18
CA ASN B 269 -13.78 38.83 0.61
C ASN B 269 -14.39 37.55 0.02
N GLN B 270 -13.56 36.62 -0.46
CA GLN B 270 -14.07 35.33 -0.92
C GLN B 270 -14.65 34.55 0.26
N LEU B 271 -14.04 34.67 1.42
CA LEU B 271 -14.54 33.95 2.59
C LEU B 271 -15.82 34.59 3.12
N HIS B 272 -15.91 35.93 3.09
CA HIS B 272 -17.15 36.59 3.50
C HIS B 272 -18.29 36.20 2.57
N ASN B 273 -18.02 36.13 1.26
CA ASN B 273 -19.07 35.69 0.35
C ASN B 273 -19.55 34.29 0.70
N PHE B 274 -18.62 33.38 0.99
CA PHE B 274 -19.01 32.03 1.36
C PHE B 274 -19.88 32.02 2.59
N ILE B 275 -19.50 32.79 3.63
CA ILE B 275 -20.27 32.83 4.87
C ILE B 275 -21.66 33.41 4.62
N THR B 276 -21.74 34.47 3.81
CA THR B 276 -23.06 34.99 3.44
C THR B 276 -23.89 33.94 2.72
N LYS B 277 -23.30 33.26 1.74
CA LYS B 277 -24.07 32.32 0.91
C LYS B 277 -24.44 31.05 1.66
N THR B 278 -23.75 30.72 2.75
CA THR B 278 -24.10 29.58 3.59
C THR B 278 -24.78 30.01 4.89
N SER B 279 -25.21 31.27 4.99
CA SER B 279 -25.99 31.80 6.11
C SER B 279 -25.28 31.66 7.45
N GLY B 280 -23.94 31.70 7.45
CA GLY B 280 -23.20 31.57 8.67
C GLY B 280 -23.34 30.22 9.35
N SER B 281 -23.71 29.18 8.62
CA SER B 281 -23.90 27.87 9.22
C SER B 281 -22.57 27.22 9.61
N MET B 282 -21.44 27.72 9.09
CA MET B 282 -20.14 27.19 9.51
C MET B 282 -19.09 28.30 9.58
N SER B 283 -18.12 28.11 10.49
CA SER B 283 -16.92 28.93 10.50
C SER B 283 -16.01 28.56 9.33
N LEU B 284 -14.98 29.37 9.14
CA LEU B 284 -13.95 29.08 8.17
C LEU B 284 -12.59 29.25 8.81
N PHE B 285 -11.62 28.47 8.33
CA PHE B 285 -10.24 28.72 8.72
C PHE B 285 -9.79 30.08 8.21
N ASP B 286 -9.07 30.83 9.06
CA ASP B 286 -8.69 32.20 8.71
C ASP B 286 -7.42 32.19 7.86
N ALA B 287 -7.58 31.75 6.61
CA ALA B 287 -6.44 31.67 5.71
C ALA B 287 -5.73 33.01 5.52
N PRO B 288 -6.42 34.14 5.36
CA PRO B 288 -5.67 35.40 5.21
C PRO B 288 -4.77 35.69 6.40
N LEU B 289 -5.20 35.32 7.61
CA LEU B 289 -4.35 35.54 8.78
C LEU B 289 -3.06 34.73 8.68
N HIS B 290 -3.13 33.48 8.19
CA HIS B 290 -1.90 32.73 7.98
C HIS B 290 -0.94 33.50 7.08
N MET B 291 -1.46 34.16 6.03
CA MET B 291 -0.58 34.87 5.11
C MET B 291 0.05 36.09 5.77
N ASN B 292 -0.73 36.83 6.57
CA ASN B 292 -0.17 37.93 7.35
C ASN B 292 0.99 37.45 8.21
N PHE B 293 0.79 36.33 8.94
CA PHE B 293 1.87 35.79 9.78
C PHE B 293 3.08 35.41 8.93
N TYR B 294 2.83 34.72 7.81
CA TYR B 294 3.92 34.36 6.90
C TYR B 294 4.69 35.61 6.49
N ASN B 295 3.97 36.61 5.99
CA ASN B 295 4.60 37.85 5.54
C ASN B 295 5.38 38.51 6.68
N ALA B 296 4.76 38.64 7.86
CA ALA B 296 5.48 39.24 8.99
C ALA B 296 6.74 38.46 9.31
N SER B 297 6.66 37.13 9.26
CA SER B 297 7.76 36.25 9.65
C SER B 297 8.92 36.35 8.68
N LYS B 298 8.66 36.73 7.44
CA LYS B 298 9.67 36.77 6.40
C LYS B 298 10.23 38.16 6.14
N SER B 299 9.77 39.18 6.89
CA SER B 299 10.10 40.58 6.60
C SER B 299 11.27 41.11 7.43
N GLY B 300 11.88 40.28 8.28
CA GLY B 300 13.06 40.71 9.02
C GLY B 300 12.85 41.89 9.94
N GLY B 301 11.65 42.06 10.48
CA GLY B 301 11.32 43.18 11.34
C GLY B 301 10.64 44.34 10.65
N SER B 302 10.70 44.39 9.33
CA SER B 302 10.16 45.49 8.51
C SER B 302 8.65 45.46 8.37
N TYR B 303 7.99 44.37 8.76
CA TYR B 303 6.54 44.28 8.63
C TYR B 303 5.87 45.27 9.57
N ASP B 304 4.82 45.93 9.08
CA ASP B 304 4.06 46.85 9.93
C ASP B 304 3.10 46.02 10.79
N MET B 305 3.55 45.71 12.02
CA MET B 305 2.77 44.98 13.00
C MET B 305 1.37 45.56 13.25
N ARG B 306 1.14 46.84 12.92
CA ARG B 306 -0.19 47.41 13.13
C ARG B 306 -1.24 46.78 12.21
N GLN B 307 -0.81 46.17 11.11
CA GLN B 307 -1.69 45.58 10.11
C GLN B 307 -1.83 44.07 10.26
N ILE B 308 -1.26 43.47 11.32
CA ILE B 308 -1.18 42.01 11.42
C ILE B 308 -2.54 41.33 11.37
N MET B 309 -3.62 42.06 11.69
CA MET B 309 -4.99 41.57 11.70
C MET B 309 -5.77 42.01 10.48
N ASP B 310 -5.18 42.81 9.60
CA ASP B 310 -5.95 43.46 8.55
C ASP B 310 -6.40 42.42 7.51
N GLY B 311 -7.65 42.55 7.07
CA GLY B 311 -8.15 41.66 6.02
C GLY B 311 -8.27 40.22 6.43
N THR B 312 -8.58 39.94 7.70
CA THR B 312 -8.73 38.59 8.20
C THR B 312 -10.14 38.40 8.76
N LEU B 313 -10.55 37.13 8.84
CA LEU B 313 -11.80 36.82 9.54
C LEU B 313 -11.71 37.18 11.01
N MET B 314 -10.53 37.05 11.61
CA MET B 314 -10.47 37.31 13.05
C MET B 314 -10.72 38.77 13.37
N LYS B 315 -10.43 39.68 12.43
CA LYS B 315 -10.84 41.07 12.57
C LYS B 315 -12.27 41.32 12.09
N ASP B 316 -12.66 40.77 10.94
CA ASP B 316 -13.90 41.17 10.25
C ASP B 316 -15.13 40.42 10.75
N ASN B 317 -14.98 39.16 11.15
CA ASN B 317 -16.12 38.37 11.60
C ASN B 317 -15.62 37.26 12.52
N SER B 318 -15.17 37.64 13.71
CA SER B 318 -14.38 36.74 14.53
C SER B 318 -15.17 35.54 14.99
N VAL B 319 -16.50 35.66 15.07
CA VAL B 319 -17.30 34.53 15.54
C VAL B 319 -17.46 33.45 14.49
N LYS B 320 -16.98 33.67 13.27
CA LYS B 320 -16.93 32.63 12.25
C LYS B 320 -15.50 32.32 11.85
N ALA B 321 -14.53 32.68 12.69
CA ALA B 321 -13.13 32.48 12.37
C ALA B 321 -12.55 31.34 13.22
N VAL B 322 -11.92 30.38 12.56
CA VAL B 322 -11.00 29.48 13.24
C VAL B 322 -9.60 29.96 12.89
N THR B 323 -8.92 30.52 13.87
CA THR B 323 -7.61 31.09 13.59
C THR B 323 -6.55 30.00 13.66
N LEU B 324 -5.41 30.27 13.02
CA LEU B 324 -4.37 29.26 12.92
C LEU B 324 -3.08 29.94 12.47
N VAL B 325 -1.98 29.22 12.65
CA VAL B 325 -0.68 29.66 12.15
C VAL B 325 -0.23 28.86 10.94
N GLU B 326 -0.55 27.57 10.89
CA GLU B 326 0.04 26.64 9.95
C GLU B 326 -0.90 25.45 9.79
N ASN B 327 -0.89 24.82 8.62
CA ASN B 327 -1.65 23.58 8.48
C ASN B 327 -0.95 22.66 7.49
N HIS B 328 -1.62 21.55 7.13
CA HIS B 328 -1.00 20.54 6.29
C HIS B 328 -0.90 20.96 4.84
N ASP B 329 -1.53 22.07 4.45
CA ASP B 329 -1.34 22.56 3.10
C ASP B 329 -0.24 23.59 2.99
N THR B 330 0.17 24.21 4.10
CA THR B 330 1.22 25.23 4.06
C THR B 330 2.56 24.71 4.59
N GLN B 331 2.59 23.52 5.20
CA GLN B 331 3.81 22.92 5.72
C GLN B 331 4.78 22.58 4.58
N PRO B 332 6.07 22.42 4.89
CA PRO B 332 7.07 22.25 3.83
C PRO B 332 6.82 21.03 2.96
N LEU B 333 7.11 21.19 1.67
CA LEU B 333 7.03 20.23 0.56
C LEU B 333 5.62 20.12 -0.02
N GLN B 334 4.64 20.79 0.55
CA GLN B 334 3.29 20.75 0.00
C GLN B 334 3.15 21.80 -1.11
N ALA B 335 2.18 21.58 -1.99
CA ALA B 335 2.02 22.45 -3.16
C ALA B 335 1.77 23.89 -2.73
N LEU B 336 0.96 24.10 -1.68
CA LEU B 336 0.70 25.46 -1.19
C LEU B 336 1.63 25.86 -0.06
N GLU B 337 2.86 25.33 -0.06
CA GLU B 337 3.80 25.62 1.01
C GLU B 337 3.98 27.12 1.21
N SER B 338 3.85 27.55 2.47
CA SER B 338 4.20 28.91 2.86
C SER B 338 4.42 28.86 4.36
N THR B 339 5.48 28.19 4.78
CA THR B 339 5.67 27.89 6.20
C THR B 339 6.12 29.13 6.93
N VAL B 340 5.37 29.49 7.99
CA VAL B 340 5.74 30.67 8.77
C VAL B 340 7.11 30.44 9.36
N ASP B 341 7.96 31.46 9.28
CA ASP B 341 9.32 31.34 9.79
C ASP B 341 9.31 31.03 11.29
N TRP B 342 10.11 30.04 11.68
CA TRP B 342 10.02 29.45 13.01
C TRP B 342 10.22 30.47 14.11
N TRP B 343 11.16 31.42 13.92
CA TRP B 343 11.37 32.45 14.94
C TRP B 343 10.10 33.22 15.27
N PHE B 344 9.20 33.38 14.30
CA PHE B 344 7.99 34.16 14.50
C PHE B 344 6.84 33.38 15.14
N LYS B 345 6.89 32.05 15.11
CA LYS B 345 5.72 31.27 15.55
C LYS B 345 5.31 31.49 16.99
N PRO B 346 6.22 31.71 17.97
CA PRO B 346 5.74 32.07 19.31
C PRO B 346 4.90 33.33 19.33
N LEU B 347 5.29 34.36 18.57
CA LEU B 347 4.47 35.56 18.48
C LEU B 347 3.12 35.26 17.86
N ALA B 348 3.12 34.54 16.74
CA ALA B 348 1.88 34.24 16.05
C ALA B 348 0.96 33.40 16.93
N TYR B 349 1.51 32.42 17.64
CA TYR B 349 0.66 31.61 18.51
C TYR B 349 0.17 32.40 19.71
N ALA B 350 1.01 33.26 20.27
CA ALA B 350 0.54 34.13 21.34
C ALA B 350 -0.60 35.01 20.85
N PHE B 351 -0.53 35.44 19.59
CA PHE B 351 -1.58 36.30 19.05
C PHE B 351 -2.91 35.56 18.96
N ILE B 352 -2.93 34.38 18.34
CA ILE B 352 -4.23 33.72 18.19
C ILE B 352 -4.70 33.13 19.51
N LEU B 353 -3.79 32.80 20.42
CA LEU B 353 -4.22 32.13 21.64
C LEU B 353 -4.65 33.10 22.74
N LEU B 354 -4.07 34.29 22.80
CA LEU B 354 -4.32 35.19 23.93
C LEU B 354 -5.20 36.39 23.59
N ARG B 355 -5.52 36.59 22.31
CA ARG B 355 -6.52 37.60 21.94
C ARG B 355 -7.92 37.06 22.17
N GLU B 356 -8.86 37.98 22.37
CA GLU B 356 -10.24 37.55 22.63
C GLU B 356 -10.95 37.08 21.35
N GLU B 357 -10.45 37.47 20.18
CA GLU B 357 -11.13 37.18 18.92
C GLU B 357 -10.79 35.79 18.39
N GLY B 358 -11.81 35.05 17.96
CA GLY B 358 -11.63 33.84 17.18
C GLY B 358 -11.49 32.58 18.01
N TYR B 359 -11.50 31.44 17.30
CA TYR B 359 -11.39 30.10 17.86
C TYR B 359 -10.04 29.54 17.39
N PRO B 360 -9.02 29.50 18.24
CA PRO B 360 -7.68 29.15 17.72
C PRO B 360 -7.46 27.65 17.60
N SER B 361 -6.74 27.27 16.56
CA SER B 361 -6.32 25.89 16.31
C SER B 361 -4.79 25.82 16.27
N VAL B 362 -4.22 24.86 17.00
CA VAL B 362 -2.78 24.61 17.00
C VAL B 362 -2.46 23.46 16.07
N PHE B 363 -1.33 23.57 15.35
CA PHE B 363 -0.90 22.56 14.37
C PHE B 363 -0.08 21.47 15.05
N TYR B 364 -0.43 20.21 14.80
CA TYR B 364 0.29 19.05 15.34
C TYR B 364 1.81 19.19 15.18
N ALA B 365 2.27 19.51 13.97
CA ALA B 365 3.72 19.60 13.76
C ALA B 365 4.34 20.70 14.61
N ASP B 366 3.62 21.79 14.88
CA ASP B 366 4.16 22.84 15.73
C ASP B 366 4.16 22.45 17.20
N TYR B 367 3.18 21.63 17.60
CA TYR B 367 3.08 21.23 19.00
C TYR B 367 4.09 20.15 19.38
N TYR B 368 4.33 19.20 18.46
CA TYR B 368 5.19 18.05 18.74
C TYR B 368 6.54 18.13 18.04
N GLY B 369 6.66 18.97 17.01
CA GLY B 369 7.72 18.82 16.04
C GLY B 369 7.39 17.70 15.06
N ALA B 370 8.06 17.74 13.91
CA ALA B 370 7.85 16.70 12.92
C ALA B 370 9.07 16.62 12.03
N GLN B 371 9.56 15.40 11.77
CA GLN B 371 10.67 15.18 10.87
C GLN B 371 10.23 14.21 9.77
N TYR B 372 10.50 14.56 8.53
CA TYR B 372 10.08 13.70 7.43
C TYR B 372 10.92 14.00 6.21
N SER B 373 10.82 13.12 5.21
CA SER B 373 11.48 13.29 3.94
C SER B 373 10.50 13.02 2.81
N ASP B 374 10.71 13.69 1.69
CA ASP B 374 9.94 13.38 0.50
C ASP B 374 10.70 13.92 -0.69
N LYS B 375 10.81 13.12 -1.75
CA LYS B 375 11.49 13.51 -2.99
C LYS B 375 12.95 13.91 -2.73
N GLY B 376 13.60 13.28 -1.76
CA GLY B 376 14.98 13.59 -1.44
C GLY B 376 15.19 14.82 -0.57
N HIS B 377 14.14 15.44 -0.05
CA HIS B 377 14.26 16.61 0.80
C HIS B 377 13.88 16.23 2.23
N ASP B 378 14.79 16.49 3.17
CA ASP B 378 14.55 16.22 4.59
C ASP B 378 14.03 17.48 5.28
N ILE B 379 12.96 17.35 6.05
CA ILE B 379 12.35 18.47 6.74
C ILE B 379 12.45 18.24 8.24
N ASN B 380 12.87 19.28 8.98
CA ASN B 380 12.93 19.28 10.43
C ASN B 380 12.09 20.44 10.94
N MET B 381 10.84 20.14 11.25
CA MET B 381 9.88 21.10 11.77
C MET B 381 10.05 21.10 13.29
N VAL B 382 10.69 22.11 13.84
CA VAL B 382 11.02 22.11 15.27
C VAL B 382 9.82 22.57 16.08
N LYS B 383 9.57 21.88 17.21
CA LYS B 383 8.52 22.27 18.13
C LYS B 383 8.64 23.75 18.48
N VAL B 384 7.49 24.43 18.51
CA VAL B 384 7.51 25.89 18.68
C VAL B 384 7.84 26.23 20.14
N PRO B 385 8.80 27.13 20.39
CA PRO B 385 9.07 27.54 21.77
C PRO B 385 7.83 28.10 22.45
N TYR B 386 7.64 27.67 23.70
CA TYR B 386 6.58 28.12 24.60
C TYR B 386 5.18 27.69 24.15
N ILE B 387 5.05 26.75 23.21
CA ILE B 387 3.72 26.43 22.70
C ILE B 387 2.85 25.83 23.80
N GLU B 388 3.40 24.97 24.63
CA GLU B 388 2.58 24.42 25.71
C GLU B 388 2.22 25.48 26.73
N GLU B 389 3.19 26.34 27.09
CA GLU B 389 2.93 27.41 28.05
C GLU B 389 1.86 28.36 27.55
N LEU B 390 1.89 28.70 26.26
CA LEU B 390 0.91 29.61 25.68
C LEU B 390 -0.49 29.01 25.70
N VAL B 391 -0.60 27.70 25.44
CA VAL B 391 -1.91 27.05 25.53
C VAL B 391 -2.41 27.04 26.97
N THR B 392 -1.50 26.83 27.94
CA THR B 392 -1.90 26.92 29.34
C THR B 392 -2.30 28.33 29.73
N LEU B 393 -1.58 29.33 29.20
CA LEU B 393 -1.94 30.72 29.51
C LEU B 393 -3.34 31.06 28.99
N ARG B 394 -3.72 30.51 27.84
CA ARG B 394 -5.08 30.69 27.35
C ARG B 394 -6.07 29.99 28.24
N LYS B 395 -5.75 28.77 28.67
CA LYS B 395 -6.63 27.97 29.50
C LYS B 395 -6.93 28.68 30.82
N ASP B 396 -5.91 29.26 31.44
CA ASP B 396 -6.02 29.76 32.83
C ASP B 396 -6.16 31.27 32.95
N TYR B 397 -5.58 32.06 32.05
CA TYR B 397 -5.45 33.49 32.33
C TYR B 397 -5.94 34.46 31.26
N ALA B 398 -6.37 34.01 30.08
CA ALA B 398 -6.73 34.92 29.00
C ALA B 398 -8.25 35.12 28.99
N TYR B 399 -8.74 35.97 29.89
CA TYR B 399 -10.18 36.13 30.06
C TYR B 399 -10.53 37.61 30.24
N GLY B 400 -11.79 37.93 29.97
CA GLY B 400 -12.32 39.24 30.29
C GLY B 400 -12.10 40.27 29.21
N LYS B 401 -12.50 41.49 29.55
CA LYS B 401 -12.44 42.62 28.62
C LYS B 401 -11.03 42.84 28.11
N GLN B 402 -10.92 43.14 26.83
CA GLN B 402 -9.65 43.30 26.14
C GLN B 402 -9.44 44.76 25.76
N HIS B 403 -8.25 45.28 26.06
CA HIS B 403 -7.80 46.58 25.59
C HIS B 403 -6.67 46.34 24.60
N SER B 404 -6.85 46.80 23.35
CA SER B 404 -5.93 46.48 22.26
C SER B 404 -5.05 47.67 21.91
N TYR B 405 -3.76 47.40 21.69
CA TYR B 405 -2.76 48.42 21.37
C TYR B 405 -1.93 47.93 20.18
N LEU B 406 -2.57 47.82 19.03
CA LEU B 406 -1.87 47.48 17.79
C LEU B 406 -1.45 48.79 17.11
N ASP B 407 -0.55 49.51 17.76
CA ASP B 407 -0.37 50.93 17.43
C ASP B 407 1.08 51.32 17.16
N HIS B 408 1.96 50.35 16.91
CA HIS B 408 3.33 50.63 16.52
C HIS B 408 3.76 49.55 15.55
N TRP B 409 4.68 49.90 14.65
CA TRP B 409 5.05 49.00 13.56
C TRP B 409 5.93 47.83 14.02
N ASP B 410 6.46 47.87 15.25
CA ASP B 410 7.17 46.73 15.82
C ASP B 410 6.49 46.24 17.10
N VAL B 411 6.29 47.12 18.07
CA VAL B 411 5.80 46.74 19.38
C VAL B 411 4.28 46.87 19.40
N ILE B 412 3.58 45.74 19.54
CA ILE B 412 2.13 45.76 19.72
C ILE B 412 1.80 44.98 20.99
N GLY B 413 0.61 45.22 21.51
CA GLY B 413 0.22 44.49 22.71
C GLY B 413 -1.25 44.70 22.99
N TRP B 414 -1.72 43.99 24.03
CA TRP B 414 -3.10 44.10 24.46
C TRP B 414 -3.20 43.57 25.88
N THR B 415 -4.31 43.90 26.55
CA THR B 415 -4.51 43.46 27.93
C THR B 415 -5.85 42.75 28.04
N ARG B 416 -5.97 41.93 29.08
CA ARG B 416 -7.21 41.23 29.41
C ARG B 416 -7.45 41.41 30.90
N GLU B 417 -8.66 41.88 31.25
CA GLU B 417 -8.96 42.28 32.63
C GLU B 417 -9.27 41.11 33.54
N GLY B 418 -9.54 39.93 33.01
CA GLY B 418 -10.01 38.81 33.80
C GLY B 418 -11.52 38.89 34.01
N ASP B 419 -12.06 37.83 34.62
CA ASP B 419 -13.46 37.78 35.01
C ASP B 419 -13.57 37.11 36.38
N ALA B 420 -14.79 36.92 36.87
CA ALA B 420 -14.99 36.38 38.22
C ALA B 420 -14.34 35.01 38.37
N LYS B 421 -14.65 34.09 37.45
CA LYS B 421 -14.05 32.75 37.50
C LYS B 421 -12.56 32.74 37.17
N HIS B 422 -12.02 33.82 36.61
CA HIS B 422 -10.59 33.88 36.25
C HIS B 422 -10.06 35.25 36.63
N PRO B 423 -9.82 35.49 37.92
CA PRO B 423 -9.60 36.87 38.39
C PRO B 423 -8.27 37.49 38.02
N HIS B 424 -7.35 36.76 37.39
CA HIS B 424 -6.08 37.36 37.02
C HIS B 424 -6.26 38.30 35.83
N SER B 425 -5.36 39.26 35.69
CA SER B 425 -5.33 40.13 34.52
C SER B 425 -4.01 39.91 33.81
N MET B 426 -3.98 40.24 32.52
CA MET B 426 -2.83 39.87 31.71
C MET B 426 -2.53 41.00 30.72
N ALA B 427 -1.24 41.14 30.41
CA ALA B 427 -0.77 42.08 29.41
C ALA B 427 0.18 41.33 28.50
N VAL B 428 -0.19 41.17 27.23
CA VAL B 428 0.67 40.55 26.23
C VAL B 428 1.34 41.67 25.44
N ILE B 429 2.61 41.50 25.13
CA ILE B 429 3.38 42.48 24.39
C ILE B 429 4.38 41.71 23.54
N MET B 430 4.55 42.15 22.30
CA MET B 430 5.45 41.46 21.40
C MET B 430 6.07 42.48 20.46
N SER B 431 7.19 42.10 19.86
CA SER B 431 7.81 42.93 18.84
C SER B 431 8.45 42.06 17.77
N ASP B 432 8.25 42.42 16.51
CA ASP B 432 8.94 41.74 15.42
C ASP B 432 10.30 42.35 15.12
N GLY B 433 10.65 43.43 15.80
CA GLY B 433 11.93 44.10 15.64
C GLY B 433 12.58 44.33 16.99
N PRO B 434 13.32 45.44 17.12
CA PRO B 434 14.00 45.72 18.40
C PRO B 434 13.00 45.85 19.54
N GLY B 435 13.51 45.59 20.75
CA GLY B 435 12.71 45.66 21.95
C GLY B 435 12.13 47.03 22.23
N GLY B 436 11.35 47.12 23.30
CA GLY B 436 10.71 48.38 23.62
C GLY B 436 9.75 48.18 24.78
N SER B 437 8.81 49.10 24.90
CA SER B 437 7.85 49.05 25.99
C SER B 437 6.59 49.77 25.54
N LYS B 438 5.51 49.60 26.32
CA LYS B 438 4.26 50.25 25.99
C LYS B 438 3.43 50.44 27.25
N TRP B 439 2.98 51.66 27.47
CA TRP B 439 2.01 51.91 28.52
C TRP B 439 0.69 51.25 28.16
N MET B 440 0.15 50.47 29.09
CA MET B 440 -1.08 49.76 28.76
C MET B 440 -1.94 49.72 30.01
N TYR B 441 -3.25 49.80 29.84
CA TYR B 441 -4.20 49.79 30.94
C TYR B 441 -4.77 48.37 31.16
N THR B 442 -4.53 47.79 32.33
CA THR B 442 -5.14 46.51 32.68
C THR B 442 -6.37 46.65 33.56
N GLY B 443 -6.60 47.82 34.15
CA GLY B 443 -7.74 48.01 35.01
C GLY B 443 -7.61 47.46 36.41
N LYS B 444 -6.43 47.00 36.80
CA LYS B 444 -6.27 46.42 38.12
C LYS B 444 -5.20 47.23 38.83
N PRO B 445 -5.54 47.90 39.93
CA PRO B 445 -4.62 48.89 40.51
C PRO B 445 -3.56 48.29 41.40
N SER B 446 -2.38 48.92 41.38
CA SER B 446 -1.32 48.67 42.36
C SER B 446 -0.99 47.19 42.46
N ALA B 447 -0.79 46.58 41.29
CA ALA B 447 -0.71 45.13 41.15
C ALA B 447 0.62 44.68 40.58
N ARG B 448 1.07 43.50 41.00
CA ARG B 448 2.34 42.93 40.55
C ARG B 448 2.11 41.99 39.38
N TYR B 449 2.88 42.19 38.31
CA TYR B 449 2.87 41.35 37.12
C TYR B 449 4.24 40.71 36.93
N VAL B 450 4.24 39.45 36.52
CA VAL B 450 5.45 38.72 36.16
C VAL B 450 5.26 38.20 34.75
N ASP B 451 6.38 38.02 34.04
CA ASP B 451 6.35 37.46 32.69
C ASP B 451 6.30 35.94 32.78
N LYS B 452 5.14 35.36 32.48
CA LYS B 452 4.98 33.92 32.63
C LYS B 452 5.79 33.10 31.64
N LEU B 453 6.36 33.72 30.60
CA LEU B 453 7.30 33.05 29.72
C LEU B 453 8.74 33.10 30.24
N GLY B 454 8.99 33.84 31.32
CA GLY B 454 10.32 33.92 31.90
C GLY B 454 11.38 34.57 31.05
N ILE B 455 10.99 35.35 30.05
CA ILE B 455 11.97 36.02 29.20
C ILE B 455 12.43 37.34 29.82
N ARG B 456 11.50 38.10 30.40
CA ARG B 456 11.83 39.28 31.21
C ARG B 456 11.73 38.91 32.69
N THR B 457 12.80 39.20 33.44
CA THR B 457 12.93 38.70 34.80
C THR B 457 12.44 39.67 35.87
N GLU B 458 12.24 40.94 35.55
CA GLU B 458 11.76 41.91 36.53
C GLU B 458 10.24 41.83 36.67
N GLU B 459 9.74 42.39 37.75
CA GLU B 459 8.30 42.56 37.88
C GLU B 459 7.87 43.90 37.27
N VAL B 460 6.60 43.98 36.91
CA VAL B 460 5.99 45.22 36.46
C VAL B 460 4.80 45.46 37.35
N TRP B 461 4.69 46.67 37.91
CA TRP B 461 3.59 47.00 38.79
C TRP B 461 2.69 48.03 38.11
N THR B 462 1.38 47.84 38.19
CA THR B 462 0.49 48.91 37.78
C THR B 462 0.43 49.98 38.88
N ASP B 463 0.13 51.21 38.47
CA ASP B 463 -0.10 52.27 39.44
C ASP B 463 -1.53 52.19 39.96
N ALA B 464 -1.92 53.15 40.81
CA ALA B 464 -3.24 53.07 41.43
C ALA B 464 -4.37 53.25 40.43
N ASN B 465 -4.06 53.64 39.20
CA ASN B 465 -5.05 53.83 38.14
C ASN B 465 -5.11 52.66 37.16
N GLY B 466 -4.30 51.62 37.37
CA GLY B 466 -4.35 50.43 36.53
C GLY B 466 -3.48 50.48 35.30
N TRP B 467 -2.48 51.37 35.26
CA TRP B 467 -1.60 51.57 34.12
C TRP B 467 -0.20 51.10 34.47
N ALA B 468 0.50 50.53 33.48
CA ALA B 468 1.88 50.15 33.67
C ALA B 468 2.58 50.16 32.32
N GLU B 469 3.89 50.37 32.35
CA GLU B 469 4.71 50.35 31.17
C GLU B 469 5.34 48.96 31.07
N PHE B 470 4.84 48.15 30.12
CA PHE B 470 5.30 46.76 30.01
C PHE B 470 6.41 46.67 28.98
N PRO B 471 7.54 46.05 29.33
CA PRO B 471 8.63 45.89 28.36
C PRO B 471 8.58 44.56 27.61
N VAL B 472 9.35 44.51 26.53
CA VAL B 472 9.50 43.31 25.70
C VAL B 472 10.88 43.37 25.05
N ASN B 473 11.51 42.20 24.90
CA ASN B 473 12.77 42.11 24.16
C ASN B 473 12.51 42.16 22.65
N GLY B 474 13.60 42.23 21.89
CA GLY B 474 13.48 42.26 20.44
C GLY B 474 13.14 40.87 19.89
N GLY B 475 12.34 40.86 18.82
CA GLY B 475 11.91 39.61 18.20
C GLY B 475 11.35 38.61 19.19
N SER B 476 10.44 39.05 20.05
CA SER B 476 10.06 38.24 21.20
C SER B 476 8.62 38.55 21.61
N VAL B 477 8.12 37.75 22.54
CA VAL B 477 6.81 37.98 23.16
C VAL B 477 6.97 37.77 24.66
N SER B 478 6.31 38.61 25.46
CA SER B 478 6.18 38.37 26.89
C SER B 478 4.70 38.38 27.26
N VAL B 479 4.35 37.59 28.27
CA VAL B 479 2.97 37.50 28.72
C VAL B 479 2.97 37.83 30.21
N TRP B 480 2.63 39.09 30.52
CA TRP B 480 2.60 39.60 31.88
C TRP B 480 1.29 39.22 32.55
N VAL B 481 1.38 38.52 33.69
CA VAL B 481 0.21 38.07 34.42
C VAL B 481 0.33 38.47 35.88
N SER B 482 -0.80 38.84 36.47
CA SER B 482 -0.85 39.36 37.84
C SER B 482 -0.55 38.26 38.86
N VAL B 483 0.23 38.64 39.87
CA VAL B 483 0.70 37.71 40.91
C VAL B 483 -0.47 37.16 41.72
N GLU B 484 -1.47 37.99 41.96
CA GLU B 484 -2.73 37.58 42.61
C GLU B 484 -3.11 36.10 42.49
CA CA C . 6.69 -30.88 -36.30
CA CA D . 29.82 -12.13 0.57
CA CA E . 22.82 -12.80 -3.96
NA NA F . 25.87 -12.10 -1.42
C TRS G . 11.66 -14.17 -9.10
C1 TRS G . 11.86 -13.75 -10.56
C2 TRS G . 10.36 -14.97 -8.95
C3 TRS G . 11.56 -12.98 -8.17
N TRS G . 12.80 -15.03 -8.75
O1 TRS G . 10.82 -12.86 -10.93
O2 TRS G . 10.55 -16.30 -9.40
O3 TRS G . 12.69 -12.14 -8.31
CA CA H . 7.98 45.71 12.30
CA CA I . -16.85 20.00 -6.80
CA CA J . -24.01 19.54 -11.18
NA NA K . -20.24 19.13 -8.91
C TRS L . -7.11 19.41 0.72
C1 TRS L . -6.10 20.41 0.16
C2 TRS L . -6.86 19.19 2.21
C3 TRS L . -7.00 18.06 0.00
N TRS L . -8.45 19.97 0.54
O1 TRS L . -4.82 19.81 0.14
O2 TRS L . -6.94 20.43 2.89
O3 TRS L . -7.27 18.23 -1.38
#